data_6LKH
#
_entry.id   6LKH
#
_cell.length_a   193.672
_cell.length_b   64.118
_cell.length_c   106.832
_cell.angle_alpha   90.000
_cell.angle_beta   95.810
_cell.angle_gamma   90.000
#
_symmetry.space_group_name_H-M   'C 1 2 1'
#
loop_
_entity.id
_entity.type
_entity.pdbx_description
1 polymer 'ABC transporter, solute-binding protein'
2 polymer 'Sensor protein kinase HptS'
3 non-polymer 6-O-phosphono-alpha-D-glucopyranose
4 water water
#
loop_
_entity_poly.entity_id
_entity_poly.type
_entity_poly.pdbx_seq_one_letter_code
_entity_poly.pdbx_strand_id
1 'polypeptide(L)'
;NVLTVYSPYQSNLIRPILNEFEKQEHVKIEIKHGSTQVLLSNLHNEDFSERGDVFMGGVLSETIDHPEDFVPYQDTSVTQ
QLEDYRSNNKYVTSFLLMPTVIVVNSDLQGDIKIRGYQDLLQPILKGKIAYSNPNTTTTGYQHMRAIYSMHHRVSDVHQF
QNHAMQLSKTSKVIEDVAKGKYYAGLSYEQDARTWKNKGYPVSIVYPIEGTMLNVDGIALVKNAHPHPKRKKLVQYLTSR
SVQQRLVAEFDAKSIRKDVSEQSDQSIENLKNIPLIPKSKLPDIPHHKFLEMIQ
;
A,B
2 'polypeptide(L)'
;TIHQHVDESQSSLHHTEKQIQTFITQHNNSFQELDLTNHHDVTATKRELLKLIHQQPATLYYELSGPNQFITNNYEHLNT
KNMYLFSTHQLKFKNSTYMLKIYMANTPRLSEIKKDNRQFALIVDQYDNILYANDDRFTIGEKYRPQQFGFMNESVKLNH
ADHRLIIYKDI
;
D,C
#
# COMPACT_ATOMS: atom_id res chain seq x y z
N ASN A 1 -17.60 -23.99 -25.71
CA ASN A 1 -18.00 -23.18 -24.56
C ASN A 1 -16.81 -22.86 -23.66
N VAL A 2 -15.94 -23.85 -23.47
CA VAL A 2 -14.87 -23.77 -22.50
C VAL A 2 -13.66 -23.10 -23.14
N LEU A 3 -13.05 -22.18 -22.39
CA LEU A 3 -11.86 -21.47 -22.80
C LEU A 3 -10.67 -22.10 -22.07
N THR A 4 -9.83 -22.81 -22.81
CA THR A 4 -8.74 -23.57 -22.19
C THR A 4 -7.46 -22.76 -22.21
N VAL A 5 -6.72 -22.84 -21.11
CA VAL A 5 -5.51 -22.04 -20.90
C VAL A 5 -4.41 -22.98 -20.43
N TYR A 6 -3.27 -22.93 -21.12
CA TYR A 6 -2.06 -23.59 -20.65
C TYR A 6 -1.28 -22.62 -19.78
N SER A 7 -0.84 -23.08 -18.61
CA SER A 7 -0.01 -22.21 -17.79
C SER A 7 0.90 -23.06 -16.94
N PRO A 8 2.18 -22.69 -16.84
CA PRO A 8 3.04 -23.29 -15.81
C PRO A 8 2.88 -22.66 -14.43
N TYR A 9 2.02 -21.65 -14.28
CA TYR A 9 1.83 -21.02 -12.98
C TYR A 9 1.11 -21.96 -12.02
N GLN A 10 1.39 -21.77 -10.74
CA GLN A 10 0.63 -22.47 -9.70
C GLN A 10 -0.79 -21.91 -9.64
N SER A 11 -1.73 -22.77 -9.24
CA SER A 11 -3.12 -22.35 -9.20
C SER A 11 -3.33 -21.16 -8.28
N ASN A 12 -2.61 -21.11 -7.16
CA ASN A 12 -2.85 -20.06 -6.17
C ASN A 12 -2.60 -18.68 -6.73
N LEU A 13 -1.98 -18.56 -7.90
CA LEU A 13 -1.70 -17.26 -8.50
C LEU A 13 -2.73 -16.86 -9.55
N ILE A 14 -3.13 -17.78 -10.42
CA ILE A 14 -3.94 -17.46 -11.58
C ILE A 14 -5.41 -17.83 -11.42
N ARG A 15 -5.73 -18.91 -10.71
CA ARG A 15 -7.14 -19.29 -10.54
C ARG A 15 -8.00 -18.14 -10.03
N PRO A 16 -7.59 -17.39 -8.99
CA PRO A 16 -8.46 -16.31 -8.50
C PRO A 16 -8.75 -15.25 -9.54
N ILE A 17 -7.76 -14.81 -10.33
CA ILE A 17 -8.03 -13.72 -11.27
C ILE A 17 -8.75 -14.26 -12.51
N LEU A 18 -8.46 -15.50 -12.91
CA LEU A 18 -9.21 -16.09 -14.01
C LEU A 18 -10.64 -16.36 -13.59
N ASN A 19 -10.86 -16.74 -12.33
CA ASN A 19 -12.21 -16.83 -11.81
C ASN A 19 -12.93 -15.51 -12.00
N GLU A 20 -12.27 -14.40 -11.68
CA GLU A 20 -12.91 -13.09 -11.83
C GLU A 20 -13.26 -12.82 -13.29
N PHE A 21 -12.49 -13.37 -14.23
CA PHE A 21 -12.79 -13.19 -15.64
C PHE A 21 -13.98 -14.06 -16.07
N GLU A 22 -14.08 -15.28 -15.54
CA GLU A 22 -15.23 -16.12 -15.80
C GLU A 22 -16.53 -15.41 -15.45
N LYS A 23 -16.57 -14.80 -14.26
CA LYS A 23 -17.78 -14.13 -13.79
C LYS A 23 -18.08 -12.87 -14.58
N GLN A 24 -17.05 -12.19 -15.08
CA GLN A 24 -17.24 -10.92 -15.76
C GLN A 24 -17.67 -11.10 -17.21
N GLU A 25 -17.22 -12.17 -17.86
CA GLU A 25 -17.53 -12.42 -19.25
C GLU A 25 -18.38 -13.67 -19.46
N HIS A 26 -18.81 -14.33 -18.39
CA HIS A 26 -19.70 -15.48 -18.49
C HIS A 26 -19.07 -16.58 -19.34
N VAL A 27 -17.86 -16.97 -18.96
CA VAL A 27 -17.11 -18.00 -19.65
C VAL A 27 -16.58 -18.99 -18.62
N LYS A 28 -16.40 -20.23 -19.06
CA LYS A 28 -15.76 -21.26 -18.27
C LYS A 28 -14.31 -21.39 -18.75
N ILE A 29 -13.36 -21.25 -17.82
CA ILE A 29 -11.94 -21.32 -18.14
C ILE A 29 -11.35 -22.57 -17.48
N GLU A 30 -10.74 -23.42 -18.29
CA GLU A 30 -10.01 -24.59 -17.80
C GLU A 30 -8.51 -24.34 -17.94
N ILE A 31 -7.76 -24.74 -16.92
CA ILE A 31 -6.32 -24.57 -16.89
C ILE A 31 -5.68 -25.95 -17.07
N LYS A 32 -4.68 -26.03 -17.93
CA LYS A 32 -3.87 -27.22 -18.09
C LYS A 32 -2.48 -26.89 -17.56
N HIS A 33 -2.13 -27.48 -16.43
CA HIS A 33 -0.90 -27.15 -15.71
C HIS A 33 0.22 -28.11 -16.12
N GLY A 34 1.45 -27.64 -15.97
CA GLY A 34 2.62 -28.45 -16.18
C GLY A 34 3.84 -27.58 -16.39
N SER A 35 5.00 -28.24 -16.40
CA SER A 35 6.25 -27.54 -16.70
C SER A 35 6.15 -26.88 -18.07
N THR A 36 6.84 -25.74 -18.21
CA THR A 36 6.66 -24.91 -19.41
C THR A 36 6.83 -25.72 -20.68
N GLN A 37 7.97 -26.40 -20.82
CA GLN A 37 8.28 -27.05 -22.08
C GLN A 37 7.46 -28.31 -22.30
N VAL A 38 7.02 -28.96 -21.22
CA VAL A 38 6.13 -30.12 -21.37
C VAL A 38 4.83 -29.68 -22.03
N LEU A 39 4.26 -28.56 -21.58
CA LEU A 39 3.04 -28.06 -22.18
C LEU A 39 3.24 -27.73 -23.66
N LEU A 40 4.36 -27.08 -23.99
CA LEU A 40 4.62 -26.70 -25.37
C LEU A 40 4.80 -27.92 -26.27
N SER A 41 5.35 -29.01 -25.74
CA SER A 41 5.50 -30.24 -26.52
C SER A 41 4.15 -30.95 -26.65
N ASN A 42 3.46 -31.18 -25.53
CA ASN A 42 2.12 -31.75 -25.58
C ASN A 42 1.23 -30.97 -26.53
N LEU A 43 1.31 -29.64 -26.50
CA LEU A 43 0.52 -28.81 -27.39
C LEU A 43 0.90 -29.05 -28.85
N HIS A 44 2.20 -29.08 -29.13
CA HIS A 44 2.68 -29.24 -30.50
C HIS A 44 2.13 -30.52 -31.12
N ASN A 45 2.21 -31.62 -30.38
CA ASN A 45 1.68 -32.90 -30.85
C ASN A 45 0.16 -32.97 -30.76
N GLU A 46 -0.48 -31.98 -30.16
CA GLU A 46 -1.92 -32.01 -29.98
C GLU A 46 -2.62 -31.70 -31.30
N ASP A 47 -3.72 -32.41 -31.56
CA ASP A 47 -4.46 -32.20 -32.80
C ASP A 47 -5.11 -30.83 -32.80
N PHE A 48 -4.95 -30.15 -33.90
CA PHE A 48 -5.48 -28.82 -34.10
C PHE A 48 -6.82 -28.54 -33.49
N SER A 49 -7.67 -29.49 -33.59
CA SER A 49 -9.08 -29.36 -33.17
C SER A 49 -9.30 -29.65 -31.69
N GLU A 50 -8.28 -30.10 -30.97
CA GLU A 50 -8.38 -30.31 -29.52
C GLU A 50 -7.47 -29.37 -28.75
N ARG A 51 -6.88 -28.38 -29.41
CA ARG A 51 -5.96 -27.47 -28.75
C ARG A 51 -6.71 -26.39 -27.98
N GLY A 52 -6.15 -26.01 -26.83
CA GLY A 52 -6.66 -24.90 -26.08
C GLY A 52 -6.45 -23.59 -26.82
N ASP A 53 -6.78 -22.51 -26.13
CA ASP A 53 -6.85 -21.19 -26.75
C ASP A 53 -5.74 -20.25 -26.35
N VAL A 54 -5.15 -20.40 -25.17
CA VAL A 54 -4.29 -19.37 -24.61
C VAL A 54 -3.16 -20.02 -23.82
N PHE A 55 -1.96 -19.46 -23.98
CA PHE A 55 -0.78 -19.88 -23.22
C PHE A 55 -0.31 -18.67 -22.42
N MET A 56 -0.23 -18.81 -21.11
CA MET A 56 0.24 -17.73 -20.24
C MET A 56 1.24 -18.29 -19.23
N GLY A 57 2.30 -17.54 -19.00
CA GLY A 57 3.37 -17.98 -18.14
C GLY A 57 4.52 -18.61 -18.93
N GLY A 58 5.69 -18.59 -18.30
CA GLY A 58 6.91 -18.98 -18.97
C GLY A 58 7.51 -17.82 -19.74
N VAL A 59 8.79 -17.97 -20.08
CA VAL A 59 9.51 -16.95 -20.87
C VAL A 59 9.26 -17.29 -22.32
N LEU A 60 8.06 -16.94 -22.80
CA LEU A 60 7.61 -17.38 -24.12
C LEU A 60 8.40 -16.70 -25.23
N SER A 61 8.75 -15.43 -25.05
CA SER A 61 9.48 -14.71 -26.09
C SER A 61 10.84 -15.34 -26.39
N GLU A 62 11.32 -16.26 -25.55
CA GLU A 62 12.66 -16.81 -25.69
C GLU A 62 12.72 -18.32 -25.81
N THR A 63 11.62 -19.04 -25.57
CA THR A 63 11.71 -20.50 -25.50
C THR A 63 10.58 -21.19 -26.27
N ILE A 64 9.95 -20.53 -27.23
CA ILE A 64 9.03 -21.18 -28.15
C ILE A 64 9.83 -21.68 -29.34
N ASP A 65 10.02 -23.00 -29.43
CA ASP A 65 10.72 -23.59 -30.56
C ASP A 65 9.83 -23.81 -31.76
N HIS A 66 8.51 -23.67 -31.62
CA HIS A 66 7.56 -23.86 -32.72
C HIS A 66 6.64 -22.65 -32.83
N PRO A 67 7.11 -21.57 -33.47
CA PRO A 67 6.22 -20.41 -33.64
C PRO A 67 4.95 -20.70 -34.43
N GLU A 68 4.97 -21.68 -35.34
CA GLU A 68 3.79 -21.91 -36.17
C GLU A 68 2.58 -22.37 -35.38
N ASP A 69 2.76 -22.84 -34.14
CA ASP A 69 1.65 -23.30 -33.31
C ASP A 69 0.89 -22.16 -32.66
N PHE A 70 1.21 -20.92 -32.99
CA PHE A 70 0.61 -19.77 -32.32
C PHE A 70 0.15 -18.75 -33.36
N VAL A 71 -0.72 -17.86 -32.92
CA VAL A 71 -1.29 -16.80 -33.75
C VAL A 71 -0.60 -15.50 -33.40
N PRO A 72 -0.07 -14.75 -34.37
CA PRO A 72 0.52 -13.44 -34.04
C PRO A 72 -0.53 -12.50 -33.45
N TYR A 73 -0.13 -11.80 -32.39
CA TYR A 73 -1.02 -10.85 -31.73
C TYR A 73 -0.31 -10.13 -30.59
N GLN A 74 -0.53 -8.83 -30.49
CA GLN A 74 -0.09 -8.04 -29.36
C GLN A 74 -1.21 -7.08 -28.97
N ASP A 75 -1.42 -6.94 -27.67
CA ASP A 75 -2.55 -6.15 -27.19
C ASP A 75 -2.29 -4.66 -27.43
N THR A 76 -3.38 -3.89 -27.40
CA THR A 76 -3.31 -2.44 -27.52
C THR A 76 -2.56 -1.80 -26.35
N SER A 77 -2.34 -2.52 -25.26
CA SER A 77 -1.78 -1.96 -24.05
C SER A 77 -0.25 -1.94 -24.01
N VAL A 78 0.41 -2.56 -24.99
CA VAL A 78 1.87 -2.55 -25.00
C VAL A 78 2.40 -1.12 -24.90
N THR A 79 1.61 -0.15 -25.34
CA THR A 79 1.99 1.25 -25.22
C THR A 79 2.27 1.62 -23.76
N GLN A 80 1.51 1.04 -22.83
CA GLN A 80 1.65 1.35 -21.41
C GLN A 80 2.66 0.45 -20.70
N GLN A 81 3.31 -0.47 -21.41
CA GLN A 81 4.24 -1.38 -20.79
C GLN A 81 5.64 -0.75 -20.70
N LEU A 82 6.42 -1.24 -19.75
CA LEU A 82 7.79 -0.77 -19.58
C LEU A 82 8.57 -0.99 -20.87
N GLU A 83 9.29 0.06 -21.31
CA GLU A 83 9.99 0.02 -22.58
C GLU A 83 10.95 -1.18 -22.64
N ASP A 84 11.73 -1.39 -21.59
CA ASP A 84 12.78 -2.39 -21.60
C ASP A 84 12.26 -3.82 -21.63
N TYR A 85 10.97 -4.04 -21.35
CA TYR A 85 10.43 -5.40 -21.30
C TYR A 85 9.26 -5.60 -22.25
N ARG A 86 8.99 -4.64 -23.13
CA ARG A 86 8.04 -4.89 -24.22
C ARG A 86 8.56 -6.00 -25.11
N SER A 87 7.67 -6.91 -25.49
CA SER A 87 8.05 -8.04 -26.31
C SER A 87 8.35 -7.59 -27.73
N ASN A 88 9.48 -8.04 -28.26
CA ASN A 88 9.83 -7.87 -29.68
C ASN A 88 9.46 -9.11 -30.50
N ASN A 89 8.48 -9.87 -30.02
CA ASN A 89 8.02 -11.10 -30.64
C ASN A 89 6.54 -10.95 -30.94
N LYS A 90 6.15 -11.22 -32.18
CA LYS A 90 4.78 -10.94 -32.61
C LYS A 90 3.77 -11.98 -32.13
N TYR A 91 4.22 -13.09 -31.54
CA TYR A 91 3.33 -14.09 -30.97
C TYR A 91 3.14 -13.93 -29.47
N VAL A 92 3.97 -13.15 -28.80
CA VAL A 92 4.00 -13.09 -27.34
C VAL A 92 3.73 -11.66 -26.89
N THR A 93 2.83 -11.51 -25.93
CA THR A 93 2.63 -10.26 -25.22
C THR A 93 3.22 -10.40 -23.82
N SER A 94 3.99 -9.40 -23.39
CA SER A 94 4.59 -9.42 -22.06
C SER A 94 3.52 -9.24 -20.98
N PHE A 95 3.68 -9.96 -19.87
CA PHE A 95 2.62 -10.04 -18.86
C PHE A 95 3.14 -9.73 -17.45
N LEU A 96 4.26 -10.34 -17.05
CA LEU A 96 4.79 -10.15 -15.71
C LEU A 96 6.30 -10.15 -15.73
N LEU A 97 6.88 -9.55 -14.69
CA LEU A 97 8.30 -9.64 -14.39
C LEU A 97 8.46 -10.55 -13.17
N MET A 98 9.31 -11.57 -13.30
CA MET A 98 9.48 -12.59 -12.26
C MET A 98 10.96 -12.81 -12.01
N PRO A 99 11.51 -12.32 -10.89
CA PRO A 99 12.88 -12.68 -10.54
C PRO A 99 13.03 -14.19 -10.32
N THR A 100 14.17 -14.73 -10.76
CA THR A 100 14.62 -16.04 -10.34
C THR A 100 15.52 -15.87 -9.13
N VAL A 101 15.37 -16.77 -8.15
CA VAL A 101 16.00 -16.60 -6.85
C VAL A 101 16.62 -17.90 -6.39
N ILE A 102 17.51 -17.78 -5.41
CA ILE A 102 17.97 -18.88 -4.60
C ILE A 102 17.19 -18.85 -3.31
N VAL A 103 16.61 -20.00 -2.93
CA VAL A 103 15.87 -20.12 -1.69
C VAL A 103 16.73 -20.92 -0.71
N VAL A 104 16.86 -20.42 0.51
CA VAL A 104 17.73 -21.00 1.51
C VAL A 104 16.89 -21.35 2.72
N ASN A 105 17.11 -22.56 3.25
CA ASN A 105 16.47 -22.98 4.49
C ASN A 105 17.24 -22.40 5.65
N SER A 106 16.65 -21.43 6.35
CA SER A 106 17.34 -20.72 7.41
C SER A 106 17.50 -21.54 8.68
N ASP A 107 16.78 -22.65 8.84
CA ASP A 107 17.05 -23.55 9.94
C ASP A 107 18.31 -24.37 9.68
N LEU A 108 18.54 -24.75 8.43
CA LEU A 108 19.70 -25.53 8.05
C LEU A 108 20.91 -24.67 7.71
N GLN A 109 20.70 -23.41 7.33
CA GLN A 109 21.80 -22.59 6.84
C GLN A 109 22.89 -22.44 7.90
N GLY A 110 22.50 -22.12 9.12
CA GLY A 110 23.48 -21.88 10.17
C GLY A 110 24.34 -20.68 9.86
N ASP A 111 25.62 -20.93 9.62
CA ASP A 111 26.58 -19.88 9.28
C ASP A 111 27.11 -19.99 7.87
N ILE A 112 26.62 -20.92 7.10
CA ILE A 112 27.05 -21.01 5.75
C ILE A 112 26.60 -19.81 5.02
N LYS A 113 27.40 -19.37 4.10
CA LYS A 113 27.10 -18.21 3.34
C LYS A 113 26.54 -18.51 1.98
N ILE A 114 25.38 -17.98 1.70
CA ILE A 114 24.79 -18.13 0.43
C ILE A 114 24.32 -16.84 -0.04
N ARG A 115 25.06 -16.29 -1.00
CA ARG A 115 24.72 -15.01 -1.59
C ARG A 115 24.75 -15.09 -3.11
N GLY A 116 24.98 -16.30 -3.64
CA GLY A 116 25.02 -16.48 -5.08
C GLY A 116 25.34 -17.88 -5.54
N TYR A 117 25.55 -17.99 -6.85
CA TYR A 117 25.82 -19.22 -7.49
C TYR A 117 27.17 -19.69 -7.00
N GLN A 118 28.13 -18.80 -6.81
CA GLN A 118 29.45 -19.29 -6.43
C GLN A 118 29.42 -19.90 -5.05
N ASP A 119 28.66 -19.32 -4.12
CA ASP A 119 28.58 -19.89 -2.78
C ASP A 119 27.90 -21.25 -2.79
N LEU A 120 27.02 -21.51 -3.76
CA LEU A 120 26.39 -22.83 -3.84
C LEU A 120 27.40 -23.92 -4.16
N LEU A 121 28.64 -23.58 -4.48
CA LEU A 121 29.67 -24.57 -4.79
C LEU A 121 30.54 -24.93 -3.60
N GLN A 122 30.33 -24.32 -2.43
CA GLN A 122 31.03 -24.73 -1.23
C GLN A 122 30.88 -26.24 -1.04
N PRO A 123 31.98 -27.00 -0.94
CA PRO A 123 31.84 -28.46 -0.84
C PRO A 123 30.91 -28.92 0.26
N ILE A 124 30.75 -28.13 1.33
CA ILE A 124 29.85 -28.54 2.41
C ILE A 124 28.43 -28.69 1.90
N LEU A 125 28.07 -27.97 0.83
CA LEU A 125 26.72 -27.99 0.30
C LEU A 125 26.52 -29.03 -0.80
N LYS A 126 27.47 -29.94 -0.98
CA LYS A 126 27.36 -30.94 -2.04
C LYS A 126 26.25 -31.93 -1.70
N GLY A 127 25.38 -32.19 -2.68
CA GLY A 127 24.25 -33.07 -2.49
C GLY A 127 23.10 -32.46 -1.70
N LYS A 128 23.23 -31.21 -1.27
CA LYS A 128 22.22 -30.54 -0.44
C LYS A 128 21.58 -29.35 -1.18
N ILE A 129 21.76 -29.26 -2.49
CA ILE A 129 21.16 -28.21 -3.31
C ILE A 129 20.24 -28.87 -4.33
N ALA A 130 19.09 -28.25 -4.56
CA ALA A 130 18.10 -28.77 -5.50
C ALA A 130 17.78 -27.73 -6.57
N TYR A 131 17.49 -28.22 -7.77
CA TYR A 131 17.07 -27.37 -8.88
C TYR A 131 16.23 -28.25 -9.81
N SER A 132 15.57 -27.61 -10.78
CA SER A 132 14.67 -28.30 -11.67
C SER A 132 15.28 -28.47 -13.05
N ASN A 133 14.94 -29.59 -13.69
CA ASN A 133 15.44 -30.00 -14.99
C ASN A 133 15.39 -28.83 -15.98
N PRO A 134 16.54 -28.31 -16.42
CA PRO A 134 16.51 -27.19 -17.37
C PRO A 134 15.99 -27.56 -18.75
N ASN A 135 15.85 -28.84 -19.07
CA ASN A 135 15.30 -29.21 -20.36
C ASN A 135 13.79 -29.02 -20.41
N THR A 136 13.12 -29.16 -19.27
CA THR A 136 11.67 -29.17 -19.24
C THR A 136 11.05 -27.91 -18.65
N THR A 137 11.79 -27.14 -17.86
CA THR A 137 11.23 -26.06 -17.07
C THR A 137 11.83 -24.72 -17.47
N THR A 138 11.06 -23.65 -17.27
CA THR A 138 11.59 -22.30 -17.43
C THR A 138 12.59 -21.96 -16.34
N THR A 139 12.40 -22.50 -15.14
CA THR A 139 13.20 -22.08 -13.99
C THR A 139 14.62 -22.63 -14.07
N GLY A 140 14.76 -23.94 -14.29
CA GLY A 140 16.08 -24.52 -14.42
C GLY A 140 16.87 -23.90 -15.54
N TYR A 141 16.24 -23.75 -16.71
CA TYR A 141 16.92 -23.20 -17.88
C TYR A 141 17.36 -21.76 -17.64
N GLN A 142 16.49 -20.93 -17.03
CA GLN A 142 16.86 -19.55 -16.77
C GLN A 142 17.97 -19.44 -15.73
N HIS A 143 18.03 -20.40 -14.79
CA HIS A 143 19.11 -20.40 -13.81
C HIS A 143 20.43 -20.83 -14.43
N MET A 144 20.38 -21.80 -15.36
CA MET A 144 21.59 -22.23 -16.04
C MET A 144 22.18 -21.10 -16.87
N ARG A 145 21.33 -20.31 -17.54
CA ARG A 145 21.81 -19.10 -18.20
C ARG A 145 22.49 -18.16 -17.21
N ALA A 146 21.87 -17.95 -16.04
CA ALA A 146 22.44 -17.06 -15.04
C ALA A 146 23.78 -17.59 -14.55
N ILE A 147 23.87 -18.90 -14.33
CA ILE A 147 25.15 -19.51 -13.94
C ILE A 147 26.16 -19.35 -15.05
N TYR A 148 25.72 -19.55 -16.28
CA TYR A 148 26.61 -19.43 -17.43
C TYR A 148 27.08 -17.98 -17.59
N SER A 149 26.21 -17.03 -17.29
CA SER A 149 26.53 -15.63 -17.55
C SER A 149 27.47 -15.03 -16.51
N MET A 150 27.72 -15.71 -15.39
CA MET A 150 28.65 -15.21 -14.39
C MET A 150 29.99 -14.87 -15.02
N HIS A 151 30.69 -15.89 -15.54
CA HIS A 151 31.95 -15.68 -16.23
C HIS A 151 31.92 -16.32 -17.61
N HIS A 152 30.73 -16.63 -18.14
CA HIS A 152 30.60 -17.25 -19.44
C HIS A 152 31.51 -18.48 -19.55
N ARG A 153 31.34 -19.41 -18.62
CA ARG A 153 32.08 -20.66 -18.60
C ARG A 153 31.12 -21.82 -18.43
N VAL A 154 31.06 -22.68 -19.45
CA VAL A 154 30.27 -23.91 -19.36
C VAL A 154 30.72 -24.78 -18.21
N SER A 155 31.96 -24.61 -17.73
CA SER A 155 32.42 -25.39 -16.59
C SER A 155 31.65 -25.06 -15.31
N ASP A 156 31.17 -23.82 -15.18
CA ASP A 156 30.39 -23.44 -14.02
C ASP A 156 29.04 -24.16 -14.00
N VAL A 157 28.40 -24.29 -15.16
CA VAL A 157 27.14 -25.01 -15.23
C VAL A 157 27.33 -26.46 -14.82
N HIS A 158 28.38 -27.10 -15.34
CA HIS A 158 28.62 -28.50 -15.03
C HIS A 158 29.02 -28.71 -13.58
N GLN A 159 29.80 -27.78 -13.02
CA GLN A 159 30.20 -27.91 -11.62
C GLN A 159 28.99 -27.84 -10.71
N PHE A 160 28.01 -27.00 -11.03
CA PHE A 160 26.78 -26.94 -10.23
C PHE A 160 25.97 -28.22 -10.38
N GLN A 161 25.78 -28.68 -11.63
CA GLN A 161 24.99 -29.88 -11.86
C GLN A 161 25.59 -31.10 -11.17
N ASN A 162 26.92 -31.17 -11.08
CA ASN A 162 27.56 -32.23 -10.31
C ASN A 162 27.35 -32.05 -8.82
N HIS A 163 27.08 -30.82 -8.38
CA HIS A 163 27.02 -30.46 -6.97
C HIS A 163 25.62 -30.56 -6.39
N ALA A 164 24.59 -30.66 -7.22
CA ALA A 164 23.21 -30.51 -6.79
C ALA A 164 22.35 -31.62 -7.35
N MET A 165 21.16 -31.77 -6.76
CA MET A 165 20.18 -32.76 -7.17
C MET A 165 19.18 -32.13 -8.13
N GLN A 166 18.99 -32.76 -9.29
CA GLN A 166 18.01 -32.31 -10.25
C GLN A 166 16.65 -32.93 -9.96
N LEU A 167 15.61 -32.11 -10.02
CA LEU A 167 14.24 -32.53 -9.74
C LEU A 167 13.38 -32.31 -10.98
N SER A 168 12.29 -33.09 -11.04
CA SER A 168 11.43 -33.10 -12.23
C SER A 168 10.60 -31.82 -12.34
N LYS A 169 10.18 -31.25 -11.22
CA LYS A 169 9.24 -30.14 -11.21
C LYS A 169 9.81 -28.97 -10.43
N THR A 170 9.58 -27.76 -10.94
CA THR A 170 10.07 -26.55 -10.27
C THR A 170 9.48 -26.45 -8.86
N SER A 171 8.18 -26.67 -8.73
CA SER A 171 7.50 -26.50 -7.45
C SER A 171 7.97 -27.49 -6.40
N LYS A 172 8.64 -28.58 -6.80
CA LYS A 172 9.19 -29.51 -5.84
C LYS A 172 10.45 -28.97 -5.17
N VAL A 173 11.13 -28.00 -5.81
CA VAL A 173 12.35 -27.45 -5.24
C VAL A 173 12.04 -26.69 -3.95
N ILE A 174 11.17 -25.68 -4.03
CA ILE A 174 10.89 -24.86 -2.86
C ILE A 174 10.20 -25.70 -1.79
N GLU A 175 9.34 -26.63 -2.20
CA GLU A 175 8.66 -27.49 -1.23
C GLU A 175 9.67 -28.23 -0.36
N ASP A 176 10.64 -28.90 -0.99
CA ASP A 176 11.59 -29.70 -0.23
C ASP A 176 12.61 -28.87 0.51
N VAL A 177 13.01 -27.71 -0.03
CA VAL A 177 13.85 -26.78 0.72
C VAL A 177 13.08 -26.28 1.94
N ALA A 178 11.82 -25.90 1.74
CA ALA A 178 11.02 -25.35 2.83
C ALA A 178 10.86 -26.35 3.97
N LYS A 179 10.72 -27.63 3.64
CA LYS A 179 10.49 -28.65 4.65
C LYS A 179 11.78 -29.22 5.22
N GLY A 180 12.94 -28.77 4.76
CA GLY A 180 14.19 -29.16 5.38
C GLY A 180 14.86 -30.36 4.77
N LYS A 181 14.57 -30.68 3.51
CA LYS A 181 15.23 -31.77 2.82
C LYS A 181 16.47 -31.31 2.07
N TYR A 182 16.56 -30.02 1.76
CA TYR A 182 17.71 -29.45 1.09
C TYR A 182 18.06 -28.11 1.75
N TYR A 183 19.35 -27.80 1.77
CA TYR A 183 19.78 -26.53 2.34
C TYR A 183 19.32 -25.36 1.48
N ALA A 184 19.35 -25.51 0.17
CA ALA A 184 18.98 -24.41 -0.72
C ALA A 184 18.51 -24.97 -2.05
N GLY A 185 17.92 -24.10 -2.85
CA GLY A 185 17.40 -24.51 -4.14
C GLY A 185 17.27 -23.32 -5.07
N LEU A 186 17.08 -23.62 -6.35
CA LEU A 186 16.94 -22.59 -7.38
C LEU A 186 15.48 -22.54 -7.80
N SER A 187 14.83 -21.42 -7.51
CA SER A 187 13.39 -21.27 -7.64
C SER A 187 13.12 -19.90 -8.23
N TYR A 188 11.89 -19.42 -8.09
CA TYR A 188 11.54 -18.07 -8.49
C TYR A 188 10.77 -17.36 -7.38
N GLU A 189 10.57 -16.07 -7.57
CA GLU A 189 10.14 -15.19 -6.49
C GLU A 189 8.78 -15.62 -5.93
N GLN A 190 7.80 -15.81 -6.79
CA GLN A 190 6.43 -16.02 -6.33
C GLN A 190 6.28 -17.34 -5.56
N ASP A 191 6.94 -18.39 -6.03
CA ASP A 191 6.83 -19.69 -5.36
C ASP A 191 7.51 -19.65 -4.00
N ALA A 192 8.64 -18.95 -3.89
CA ALA A 192 9.29 -18.80 -2.60
C ALA A 192 8.42 -18.00 -1.64
N ARG A 193 7.84 -16.94 -2.12
CA ARG A 193 7.00 -16.11 -1.31
C ARG A 193 5.78 -16.79 -0.83
N THR A 194 5.25 -17.62 -1.64
CA THR A 194 4.11 -18.44 -1.23
C THR A 194 4.42 -19.25 0.01
N TRP A 195 5.58 -19.92 0.02
CA TRP A 195 5.92 -20.80 1.13
C TRP A 195 6.44 -20.02 2.34
N LYS A 196 7.17 -18.93 2.10
CA LYS A 196 7.58 -18.06 3.17
C LYS A 196 6.37 -17.57 3.96
N ASN A 197 5.27 -17.26 3.26
CA ASN A 197 4.07 -16.73 3.90
C ASN A 197 3.30 -17.80 4.69
N LYS A 198 3.44 -19.08 4.32
CA LYS A 198 2.80 -20.14 5.08
C LYS A 198 3.50 -20.41 6.42
N GLY A 199 4.69 -19.84 6.63
CA GLY A 199 5.43 -19.98 7.87
C GLY A 199 6.73 -20.73 7.77
N TYR A 200 7.11 -21.22 6.60
CA TYR A 200 8.29 -22.06 6.50
C TYR A 200 9.58 -21.24 6.59
N PRO A 201 10.67 -21.85 7.08
CA PRO A 201 11.94 -21.12 7.30
C PRO A 201 12.69 -20.89 5.99
N VAL A 202 12.14 -20.01 5.15
CA VAL A 202 12.63 -19.82 3.80
C VAL A 202 13.20 -18.40 3.68
N SER A 203 14.46 -18.32 3.26
CA SER A 203 15.11 -17.05 2.96
C SER A 203 15.27 -16.93 1.45
N ILE A 204 14.94 -15.76 0.92
CA ILE A 204 15.00 -15.50 -0.52
C ILE A 204 16.29 -14.74 -0.80
N VAL A 205 17.13 -15.29 -1.67
CA VAL A 205 18.42 -14.71 -2.02
C VAL A 205 18.41 -14.38 -3.51
N TYR A 206 18.74 -13.13 -3.84
CA TYR A 206 18.91 -12.70 -5.21
C TYR A 206 20.40 -12.73 -5.53
N PRO A 207 20.86 -13.64 -6.40
CA PRO A 207 22.31 -13.83 -6.54
C PRO A 207 23.05 -12.56 -6.95
N ILE A 208 24.10 -12.24 -6.18
CA ILE A 208 24.86 -11.01 -6.40
C ILE A 208 25.57 -11.03 -7.75
N GLU A 209 26.12 -12.19 -8.14
CA GLU A 209 26.84 -12.27 -9.40
C GLU A 209 25.97 -11.83 -10.58
N GLY A 210 24.65 -11.88 -10.42
CA GLY A 210 23.74 -11.45 -11.46
C GLY A 210 22.44 -12.22 -11.41
N THR A 211 21.35 -11.53 -11.11
CA THR A 211 20.04 -12.16 -11.02
C THR A 211 19.35 -12.14 -12.38
N MET A 212 18.90 -13.32 -12.80
CA MET A 212 18.15 -13.43 -14.04
C MET A 212 16.70 -13.03 -13.77
N LEU A 213 16.15 -12.19 -14.65
CA LEU A 213 14.78 -11.72 -14.54
C LEU A 213 13.97 -12.30 -15.69
N ASN A 214 12.88 -12.99 -15.36
CA ASN A 214 12.01 -13.57 -16.37
C ASN A 214 10.94 -12.56 -16.77
N VAL A 215 10.75 -12.39 -18.07
CA VAL A 215 9.64 -11.62 -18.61
C VAL A 215 8.62 -12.64 -19.10
N ASP A 216 7.60 -12.90 -18.27
CA ASP A 216 6.57 -13.86 -18.64
C ASP A 216 5.70 -13.31 -19.77
N GLY A 217 5.19 -14.22 -20.61
CA GLY A 217 4.45 -13.83 -21.78
C GLY A 217 3.09 -14.50 -21.84
N ILE A 218 2.27 -13.98 -22.75
CA ILE A 218 0.98 -14.58 -23.10
C ILE A 218 0.95 -14.74 -24.62
N ALA A 219 0.46 -15.88 -25.08
CA ALA A 219 0.44 -16.20 -26.50
C ALA A 219 -0.85 -16.88 -26.88
N LEU A 220 -1.39 -16.54 -28.04
CA LEU A 220 -2.57 -17.20 -28.56
C LEU A 220 -2.19 -18.48 -29.29
N VAL A 221 -2.91 -19.57 -29.00
CA VAL A 221 -2.66 -20.86 -29.59
C VAL A 221 -3.46 -20.98 -30.88
N LYS A 222 -2.82 -21.49 -31.93
CA LYS A 222 -3.49 -21.73 -33.20
C LYS A 222 -4.30 -23.01 -33.12
N ASN A 223 -5.61 -22.90 -33.31
CA ASN A 223 -6.50 -24.04 -33.24
C ASN A 223 -7.60 -23.86 -34.28
N ALA A 224 -8.52 -24.83 -34.34
CA ALA A 224 -9.54 -24.83 -35.37
C ALA A 224 -10.60 -23.76 -35.11
N HIS A 225 -11.13 -23.70 -33.90
CA HIS A 225 -12.23 -22.80 -33.55
C HIS A 225 -11.85 -22.01 -32.30
N PRO A 226 -11.08 -20.94 -32.46
CA PRO A 226 -10.64 -20.18 -31.27
C PRO A 226 -11.83 -19.62 -30.51
N HIS A 227 -11.71 -19.61 -29.19
CA HIS A 227 -12.77 -19.10 -28.34
C HIS A 227 -12.93 -17.60 -28.59
N PRO A 228 -14.17 -17.10 -28.77
CA PRO A 228 -14.34 -15.68 -29.12
C PRO A 228 -13.93 -14.70 -28.03
N LYS A 229 -13.73 -15.15 -26.79
CA LYS A 229 -13.39 -14.26 -25.68
C LYS A 229 -11.90 -14.26 -25.36
N ARG A 230 -11.08 -14.94 -26.17
CA ARG A 230 -9.69 -15.15 -25.77
C ARG A 230 -8.85 -13.88 -25.94
N LYS A 231 -9.20 -13.02 -26.90
CA LYS A 231 -8.52 -11.73 -27.00
C LYS A 231 -8.99 -10.77 -25.91
N LYS A 232 -10.23 -10.91 -25.47
CA LYS A 232 -10.67 -10.17 -24.30
C LYS A 232 -9.92 -10.62 -23.06
N LEU A 233 -9.56 -11.90 -22.99
CA LEU A 233 -8.78 -12.40 -21.87
C LEU A 233 -7.39 -11.77 -21.84
N VAL A 234 -6.73 -11.64 -23.00
CA VAL A 234 -5.39 -11.07 -23.04
C VAL A 234 -5.43 -9.61 -22.62
N GLN A 235 -6.35 -8.83 -23.19
CA GLN A 235 -6.50 -7.44 -22.77
C GLN A 235 -6.79 -7.35 -21.29
N TYR A 236 -7.55 -8.31 -20.75
CA TYR A 236 -7.88 -8.33 -19.33
C TYR A 236 -6.63 -8.54 -18.48
N LEU A 237 -5.80 -9.52 -18.84
CA LEU A 237 -4.62 -9.85 -18.05
C LEU A 237 -3.57 -8.74 -18.08
N THR A 238 -3.52 -7.97 -19.17
CA THR A 238 -2.61 -6.84 -19.28
C THR A 238 -3.23 -5.53 -18.83
N SER A 239 -4.48 -5.55 -18.37
CA SER A 239 -5.15 -4.32 -17.98
C SER A 239 -4.58 -3.77 -16.68
N ARG A 240 -4.76 -2.47 -16.49
CA ARG A 240 -4.17 -1.82 -15.32
C ARG A 240 -4.78 -2.35 -14.03
N SER A 241 -6.09 -2.55 -14.00
CA SER A 241 -6.74 -2.96 -12.75
C SER A 241 -6.37 -4.39 -12.37
N VAL A 242 -6.25 -5.28 -13.36
CA VAL A 242 -5.83 -6.65 -13.05
C VAL A 242 -4.37 -6.67 -12.59
N GLN A 243 -3.52 -5.87 -13.24
CA GLN A 243 -2.12 -5.79 -12.81
C GLN A 243 -2.02 -5.23 -11.40
N GLN A 244 -2.74 -4.15 -11.15
CA GLN A 244 -2.81 -3.58 -9.81
C GLN A 244 -3.22 -4.69 -8.87
N ARG A 245 -3.93 -5.68 -9.41
CA ARG A 245 -4.32 -6.85 -8.66
C ARG A 245 -3.08 -7.71 -8.39
N LEU A 246 -2.44 -8.19 -9.45
CA LEU A 246 -1.38 -9.01 -9.22
C LEU A 246 -0.45 -8.35 -8.22
N VAL A 247 -0.45 -7.06 -8.08
CA VAL A 247 0.49 -6.38 -7.22
C VAL A 247 0.08 -6.34 -5.79
N ALA A 248 -1.16 -6.10 -5.56
CA ALA A 248 -1.63 -5.89 -4.27
C ALA A 248 -1.85 -7.13 -3.58
N GLU A 249 -2.39 -8.10 -4.25
CA GLU A 249 -2.78 -9.31 -3.60
C GLU A 249 -1.76 -10.40 -3.63
N PHE A 250 -0.77 -10.28 -4.48
CA PHE A 250 0.15 -11.38 -4.69
C PHE A 250 1.59 -11.04 -4.69
N ASP A 251 1.88 -9.75 -4.57
CA ASP A 251 3.26 -9.26 -4.55
C ASP A 251 3.96 -9.32 -5.91
N ALA A 252 3.20 -9.51 -6.98
CA ALA A 252 3.77 -9.64 -8.30
C ALA A 252 4.36 -8.31 -8.76
N LYS A 253 5.24 -8.39 -9.74
CA LYS A 253 5.86 -7.21 -10.36
C LYS A 253 5.19 -6.96 -11.69
N SER A 254 4.55 -5.79 -11.81
CA SER A 254 3.71 -5.48 -12.96
C SER A 254 4.56 -5.08 -14.17
N ILE A 255 4.05 -5.44 -15.35
CA ILE A 255 4.71 -5.08 -16.61
C ILE A 255 4.42 -3.65 -17.03
N ARG A 256 3.45 -2.99 -16.41
CA ARG A 256 2.98 -1.69 -16.86
C ARG A 256 3.75 -0.54 -16.20
N LYS A 257 3.87 0.57 -16.94
CA LYS A 257 4.45 1.78 -16.37
C LYS A 257 3.62 2.31 -15.21
N ASP A 258 2.30 2.36 -15.40
CA ASP A 258 1.39 3.10 -14.52
C ASP A 258 0.92 2.29 -13.32
N VAL A 259 1.62 1.21 -12.98
CA VAL A 259 1.29 0.39 -11.81
C VAL A 259 2.50 0.38 -10.89
N SER A 260 2.35 0.84 -9.72
CA SER A 260 3.47 0.94 -8.87
C SER A 260 3.79 -0.35 -8.20
N GLU A 261 4.94 -0.42 -7.63
CA GLU A 261 5.31 -1.58 -6.89
C GLU A 261 4.76 -1.51 -5.53
N GLN A 262 4.99 -2.50 -4.73
CA GLN A 262 4.40 -2.61 -3.42
C GLN A 262 5.40 -2.85 -2.37
N SER A 263 5.34 -2.10 -1.28
CA SER A 263 6.30 -2.25 -0.17
C SER A 263 6.01 -3.54 0.60
N ASP A 264 6.66 -4.62 0.18
CA ASP A 264 6.49 -5.92 0.83
C ASP A 264 7.69 -6.26 1.70
N GLN A 265 7.58 -7.34 2.45
CA GLN A 265 8.69 -7.77 3.32
C GLN A 265 9.59 -8.93 2.99
N SER A 266 10.85 -8.61 2.68
CA SER A 266 11.88 -9.64 2.34
C SER A 266 11.76 -9.92 0.84
N ILE A 267 11.03 -9.08 0.12
CA ILE A 267 10.90 -9.25 -1.32
C ILE A 267 11.41 -7.84 -1.63
N GLU A 268 12.32 -7.76 -2.60
CA GLU A 268 12.89 -6.54 -2.96
C GLU A 268 12.13 -5.99 -4.09
N ASN A 269 12.19 -4.71 -4.23
CA ASN A 269 11.73 -3.99 -5.41
C ASN A 269 12.78 -4.09 -6.51
N LEU A 270 12.35 -3.90 -7.75
CA LEU A 270 13.22 -4.18 -8.89
C LEU A 270 14.50 -3.36 -8.84
N LYS A 271 14.41 -2.09 -8.42
CA LYS A 271 15.57 -1.22 -8.44
C LYS A 271 16.60 -1.57 -7.37
N ASN A 272 16.29 -2.51 -6.48
CA ASN A 272 17.23 -2.96 -5.46
C ASN A 272 17.69 -4.38 -5.67
N ILE A 273 17.33 -4.99 -6.80
CA ILE A 273 17.74 -6.35 -7.12
C ILE A 273 18.97 -6.27 -8.03
N PRO A 274 20.03 -7.05 -7.77
CA PRO A 274 21.20 -7.03 -8.69
C PRO A 274 20.96 -7.83 -9.96
N LEU A 275 20.30 -7.18 -10.92
CA LEU A 275 19.90 -7.86 -12.15
C LEU A 275 21.05 -7.92 -13.15
N ILE A 276 21.03 -8.97 -13.96
CA ILE A 276 21.93 -9.07 -15.11
C ILE A 276 21.48 -8.04 -16.14
N PRO A 277 22.32 -7.10 -16.55
CA PRO A 277 21.91 -6.16 -17.60
C PRO A 277 21.71 -6.86 -18.94
N LYS A 278 20.95 -6.21 -19.82
CA LYS A 278 20.82 -6.71 -21.18
C LYS A 278 22.19 -6.93 -21.81
N SER A 279 23.17 -6.11 -21.44
CA SER A 279 24.55 -6.30 -21.87
C SER A 279 25.00 -7.76 -21.71
N LYS A 280 25.17 -8.19 -20.46
CA LYS A 280 25.76 -9.49 -20.15
C LYS A 280 24.79 -10.65 -20.34
N LEU A 281 23.68 -10.39 -20.95
CA LEU A 281 22.73 -11.41 -21.08
C LEU A 281 22.96 -12.35 -22.23
N PRO A 282 23.33 -13.64 -21.85
CA PRO A 282 23.60 -14.55 -22.96
C PRO A 282 22.70 -14.59 -24.16
N ASP A 283 23.24 -14.88 -25.32
CA ASP A 283 22.57 -14.76 -26.60
C ASP A 283 22.01 -16.00 -27.15
N ILE A 284 22.79 -17.03 -27.10
CA ILE A 284 22.43 -18.26 -27.71
C ILE A 284 21.03 -18.70 -27.43
N PRO A 285 20.35 -19.06 -28.59
CA PRO A 285 19.03 -19.64 -28.38
C PRO A 285 18.86 -20.94 -27.65
N HIS A 286 17.62 -21.13 -27.27
CA HIS A 286 17.18 -22.10 -26.30
C HIS A 286 17.67 -23.42 -26.55
N HIS A 287 17.44 -23.92 -27.74
CA HIS A 287 17.82 -25.26 -28.04
C HIS A 287 19.26 -25.41 -28.19
N LYS A 288 19.87 -24.37 -28.68
CA LYS A 288 21.29 -24.35 -28.79
C LYS A 288 21.94 -24.40 -27.47
N PHE A 289 21.53 -23.54 -26.58
CA PHE A 289 22.12 -23.52 -25.24
C PHE A 289 21.94 -24.86 -24.53
N LEU A 290 20.75 -25.45 -24.62
CA LEU A 290 20.50 -26.71 -23.92
C LEU A 290 21.41 -27.81 -24.44
N GLU A 291 21.63 -27.86 -25.75
CA GLU A 291 22.54 -28.86 -26.29
C GLU A 291 23.97 -28.61 -25.84
N MET A 292 24.25 -27.40 -25.47
CA MET A 292 25.59 -27.08 -25.14
C MET A 292 25.96 -27.44 -23.77
N ILE A 293 25.02 -27.54 -22.86
CA ILE A 293 25.28 -27.82 -21.46
C ILE A 293 24.96 -29.26 -21.13
N GLN A 294 24.68 -30.06 -22.15
CA GLN A 294 24.34 -31.46 -21.94
C GLN A 294 25.59 -32.26 -21.56
N ASN B 1 22.05 23.56 21.50
CA ASN B 1 20.76 23.79 22.12
C ASN B 1 19.67 23.58 21.08
N VAL B 2 19.18 24.66 20.48
CA VAL B 2 18.19 24.55 19.41
C VAL B 2 18.92 24.27 18.11
N LEU B 3 18.38 23.33 17.34
CA LEU B 3 18.91 22.97 16.03
C LEU B 3 18.05 23.67 14.99
N THR B 4 18.64 24.59 14.23
CA THR B 4 17.88 25.41 13.29
C THR B 4 18.04 24.86 11.87
N VAL B 5 16.94 24.86 11.13
CA VAL B 5 16.87 24.28 9.80
C VAL B 5 16.27 25.30 8.85
N TYR B 6 16.99 25.59 7.76
CA TYR B 6 16.44 26.39 6.67
C TYR B 6 15.74 25.45 5.69
N SER B 7 14.51 25.78 5.32
CA SER B 7 13.82 24.94 4.37
C SER B 7 12.78 25.72 3.58
N PRO B 8 12.73 25.55 2.26
CA PRO B 8 11.58 26.05 1.50
C PRO B 8 10.38 25.12 1.49
N TYR B 9 10.47 23.95 2.15
CA TYR B 9 9.32 23.06 2.24
C TYR B 9 8.22 23.68 3.08
N GLN B 10 6.98 23.36 2.74
CA GLN B 10 5.83 23.72 3.57
C GLN B 10 5.85 22.92 4.86
N SER B 11 5.33 23.54 5.93
CA SER B 11 5.39 22.92 7.24
C SER B 11 4.70 21.56 7.25
N ASN B 12 3.58 21.43 6.52
CA ASN B 12 2.79 20.22 6.59
C ASN B 12 3.55 18.98 6.12
N LEU B 13 4.72 19.15 5.49
CA LEU B 13 5.52 18.04 5.01
C LEU B 13 6.67 17.68 5.93
N ILE B 14 7.39 18.68 6.46
CA ILE B 14 8.63 18.43 7.19
C ILE B 14 8.39 18.52 8.69
N ARG B 15 7.41 19.32 9.10
CA ARG B 15 7.16 19.47 10.53
C ARG B 15 6.85 18.14 11.20
N PRO B 16 6.03 17.25 10.62
CA PRO B 16 5.75 15.98 11.32
C PRO B 16 6.96 15.08 11.46
N ILE B 17 7.85 15.00 10.46
CA ILE B 17 8.95 14.06 10.56
C ILE B 17 10.06 14.65 11.42
N LEU B 18 10.27 15.97 11.37
CA LEU B 18 11.22 16.59 12.28
C LEU B 18 10.75 16.48 13.72
N ASN B 19 9.43 16.58 13.95
CA ASN B 19 8.89 16.33 15.29
C ASN B 19 9.28 14.95 15.78
N GLU B 20 9.18 13.94 14.92
CA GLU B 20 9.56 12.59 15.32
C GLU B 20 11.05 12.51 15.66
N PHE B 21 11.87 13.35 15.01
CA PHE B 21 13.29 13.41 15.36
C PHE B 21 13.51 14.15 16.67
N GLU B 22 12.70 15.17 16.96
CA GLU B 22 12.86 15.92 18.20
C GLU B 22 12.78 14.99 19.41
N LYS B 23 11.72 14.18 19.48
CA LYS B 23 11.50 13.31 20.63
C LYS B 23 12.09 11.92 20.44
N GLN B 24 12.88 11.71 19.39
CA GLN B 24 13.76 10.55 19.30
C GLN B 24 15.15 10.87 19.81
N GLU B 25 15.62 12.11 19.60
CA GLU B 25 16.96 12.52 20.00
C GLU B 25 16.96 13.60 21.07
N HIS B 26 15.79 14.03 21.54
CA HIS B 26 15.67 15.05 22.59
C HIS B 26 16.35 16.35 22.15
N VAL B 27 15.86 16.88 21.03
CA VAL B 27 16.35 18.11 20.44
C VAL B 27 15.16 19.00 20.14
N LYS B 28 15.39 20.30 20.18
CA LYS B 28 14.45 21.27 19.64
C LYS B 28 14.91 21.68 18.25
N ILE B 29 14.01 21.57 17.29
CA ILE B 29 14.29 21.97 15.91
C ILE B 29 13.41 23.16 15.56
N GLU B 30 14.05 24.26 15.16
CA GLU B 30 13.35 25.41 14.59
C GLU B 30 13.55 25.42 13.08
N ILE B 31 12.48 25.77 12.37
CA ILE B 31 12.50 25.84 10.91
C ILE B 31 12.40 27.31 10.50
N LYS B 32 13.32 27.74 9.64
CA LYS B 32 13.26 29.04 9.01
C LYS B 32 12.79 28.82 7.58
N HIS B 33 11.61 29.33 7.27
CA HIS B 33 10.97 29.10 5.99
C HIS B 33 11.21 30.27 5.03
N GLY B 34 11.02 29.98 3.75
CA GLY B 34 11.17 31.00 2.73
C GLY B 34 11.56 30.39 1.41
N SER B 35 11.49 31.21 0.37
CA SER B 35 11.91 30.79 -0.95
C SER B 35 13.37 30.38 -0.93
N THR B 36 13.72 29.41 -1.80
CA THR B 36 15.04 28.81 -1.74
C THR B 36 16.14 29.85 -1.75
N GLN B 37 16.17 30.70 -2.79
CA GLN B 37 17.28 31.62 -2.96
C GLN B 37 17.25 32.75 -1.93
N VAL B 38 16.06 33.10 -1.44
CA VAL B 38 15.99 34.11 -0.39
C VAL B 38 16.65 33.60 0.88
N LEU B 39 16.36 32.35 1.25
CA LEU B 39 17.04 31.75 2.40
C LEU B 39 18.55 31.70 2.20
N LEU B 40 18.99 31.32 0.99
CA LEU B 40 20.41 31.23 0.72
C LEU B 40 21.09 32.60 0.76
N SER B 41 20.38 33.66 0.36
CA SER B 41 20.95 34.99 0.42
C SER B 41 21.00 35.50 1.85
N ASN B 42 19.89 35.38 2.58
CA ASN B 42 19.88 35.75 3.99
C ASN B 42 20.94 34.97 4.76
N LEU B 43 21.09 33.68 4.45
CA LEU B 43 22.11 32.88 5.10
C LEU B 43 23.51 33.44 4.82
N HIS B 44 23.76 33.82 3.57
CA HIS B 44 25.09 34.29 3.19
C HIS B 44 25.50 35.51 4.00
N ASN B 45 24.57 36.44 4.22
CA ASN B 45 24.86 37.65 4.98
C ASN B 45 24.81 37.43 6.49
N GLU B 46 24.34 36.27 6.94
CA GLU B 46 24.21 36.01 8.36
C GLU B 46 25.57 35.73 8.98
N ASP B 47 25.77 36.24 10.20
CA ASP B 47 27.05 36.05 10.88
C ASP B 47 27.28 34.58 11.19
N PHE B 48 28.54 34.15 11.02
CA PHE B 48 28.91 32.77 11.29
C PHE B 48 28.36 32.29 12.63
N SER B 49 28.34 33.16 13.63
CA SER B 49 27.90 32.78 14.97
C SER B 49 26.40 32.72 15.10
N GLU B 50 25.65 33.25 14.14
CA GLU B 50 24.19 33.28 14.20
C GLU B 50 23.54 32.39 13.15
N ARG B 51 24.32 31.56 12.47
CA ARG B 51 23.78 30.73 11.41
C ARG B 51 23.18 29.44 11.96
N GLY B 52 22.15 28.95 11.28
CA GLY B 52 21.59 27.66 11.59
C GLY B 52 22.54 26.54 11.17
N ASP B 53 22.02 25.31 11.28
CA ASP B 53 22.85 24.12 11.16
C ASP B 53 22.63 23.32 9.89
N VAL B 54 21.44 23.34 9.32
CA VAL B 54 21.07 22.42 8.24
C VAL B 54 20.19 23.14 7.25
N PHE B 55 20.38 22.82 5.96
CA PHE B 55 19.55 23.31 4.88
C PHE B 55 18.97 22.10 4.17
N MET B 56 17.64 22.05 4.07
CA MET B 56 16.96 20.94 3.41
C MET B 56 15.87 21.48 2.51
N GLY B 57 15.79 20.91 1.31
CA GLY B 57 14.86 21.37 0.30
C GLY B 57 15.53 22.31 -0.70
N GLY B 58 14.92 22.41 -1.87
CA GLY B 58 15.53 23.09 -2.99
C GLY B 58 16.47 22.19 -3.75
N VAL B 59 16.75 22.59 -4.99
CA VAL B 59 17.66 21.83 -5.86
C VAL B 59 19.06 22.32 -5.53
N LEU B 60 19.57 21.88 -4.37
CA LEU B 60 20.79 22.47 -3.80
C LEU B 60 22.02 22.12 -4.62
N SER B 61 22.06 20.90 -5.17
CA SER B 61 23.20 20.48 -5.97
C SER B 61 23.46 21.39 -7.17
N GLU B 62 22.51 22.26 -7.51
CA GLU B 62 22.60 23.06 -8.74
C GLU B 62 22.39 24.55 -8.56
N THR B 63 22.04 25.04 -7.36
CA THR B 63 21.68 26.45 -7.22
C THR B 63 22.33 27.10 -5.99
N ILE B 64 23.36 26.48 -5.42
CA ILE B 64 24.17 27.14 -4.40
C ILE B 64 25.24 27.97 -5.12
N ASP B 65 25.11 29.29 -5.07
CA ASP B 65 26.11 30.17 -5.64
C ASP B 65 27.28 30.41 -4.70
N HIS B 66 27.17 30.04 -3.42
CA HIS B 66 28.21 30.26 -2.41
C HIS B 66 28.51 28.96 -1.69
N PRO B 67 29.31 28.07 -2.29
CA PRO B 67 29.68 26.84 -1.59
C PRO B 67 30.39 27.06 -0.26
N GLU B 68 31.11 28.18 -0.10
CA GLU B 68 31.90 28.37 1.12
C GLU B 68 31.03 28.46 2.37
N ASP B 69 29.73 28.69 2.22
CA ASP B 69 28.82 28.76 3.36
C ASP B 69 28.38 27.39 3.86
N PHE B 70 28.95 26.32 3.32
CA PHE B 70 28.50 24.96 3.64
C PHE B 70 29.69 24.07 3.94
N VAL B 71 29.40 22.98 4.63
CA VAL B 71 30.42 22.01 5.04
C VAL B 71 30.35 20.81 4.11
N PRO B 72 31.47 20.34 3.56
CA PRO B 72 31.42 19.11 2.77
C PRO B 72 31.00 17.93 3.63
N TYR B 73 30.14 17.08 3.05
CA TYR B 73 29.61 15.90 3.76
C TYR B 73 28.74 15.13 2.80
N GLN B 74 28.65 13.83 3.03
CA GLN B 74 27.68 12.95 2.35
C GLN B 74 27.46 11.78 3.25
N ASP B 75 26.19 11.43 3.46
CA ASP B 75 25.86 10.35 4.37
C ASP B 75 26.33 9.01 3.82
N THR B 76 26.53 8.06 4.73
CA THR B 76 26.93 6.72 4.35
C THR B 76 25.87 6.02 3.51
N SER B 77 24.66 6.57 3.42
CA SER B 77 23.54 5.90 2.77
C SER B 77 23.51 6.11 1.26
N VAL B 78 24.38 6.95 0.71
CA VAL B 78 24.36 7.25 -0.72
C VAL B 78 24.45 5.95 -1.49
N THR B 79 25.02 4.92 -0.87
CA THR B 79 25.12 3.61 -1.51
C THR B 79 23.75 3.05 -1.86
N GLN B 80 22.74 3.33 -1.02
CA GLN B 80 21.40 2.83 -1.25
C GLN B 80 20.54 3.76 -2.09
N GLN B 81 21.08 4.88 -2.57
CA GLN B 81 20.29 5.84 -3.35
C GLN B 81 20.27 5.45 -4.82
N LEU B 82 19.24 5.92 -5.51
CA LEU B 82 19.12 5.68 -6.95
C LEU B 82 20.31 6.26 -7.67
N GLU B 83 20.89 5.47 -8.58
CA GLU B 83 22.18 5.83 -9.17
C GLU B 83 22.09 7.15 -9.94
N ASP B 84 20.99 7.36 -10.65
CA ASP B 84 20.86 8.52 -11.53
C ASP B 84 20.64 9.82 -10.78
N TYR B 85 20.31 9.77 -9.48
CA TYR B 85 20.01 10.97 -8.73
C TYR B 85 20.94 11.15 -7.54
N ARG B 86 21.94 10.29 -7.37
CA ARG B 86 22.97 10.54 -6.37
C ARG B 86 23.66 11.87 -6.65
N SER B 87 23.91 12.62 -5.59
CA SER B 87 24.57 13.92 -5.73
C SER B 87 26.04 13.72 -6.10
N ASN B 88 26.48 14.44 -7.13
CA ASN B 88 27.90 14.57 -7.44
C ASN B 88 28.46 15.89 -6.94
N ASN B 89 27.86 16.42 -5.89
CA ASN B 89 28.30 17.63 -5.20
C ASN B 89 28.62 17.28 -3.77
N LYS B 90 29.80 17.67 -3.31
CA LYS B 90 30.31 17.23 -2.01
C LYS B 90 29.67 17.95 -0.83
N TYR B 91 28.86 19.00 -1.08
CA TYR B 91 28.16 19.70 -0.02
C TYR B 91 26.71 19.25 0.14
N VAL B 92 26.19 18.45 -0.79
CA VAL B 92 24.77 18.15 -0.86
C VAL B 92 24.58 16.65 -0.85
N THR B 93 23.66 16.17 -0.02
CA THR B 93 23.16 14.81 -0.08
C THR B 93 21.75 14.83 -0.66
N SER B 94 21.49 13.95 -1.62
CA SER B 94 20.17 13.90 -2.24
C SER B 94 19.15 13.33 -1.26
N PHE B 95 17.93 13.85 -1.31
CA PHE B 95 16.93 13.57 -0.29
C PHE B 95 15.58 13.15 -0.84
N LEU B 96 15.09 13.82 -1.87
CA LEU B 96 13.79 13.49 -2.45
C LEU B 96 13.78 13.80 -3.94
N LEU B 97 12.86 13.16 -4.64
CA LEU B 97 12.57 13.44 -6.04
C LEU B 97 11.22 14.13 -6.12
N MET B 98 11.19 15.31 -6.75
CA MET B 98 10.00 16.16 -6.76
C MET B 98 9.69 16.58 -8.20
N PRO B 99 8.69 15.98 -8.83
CA PRO B 99 8.27 16.48 -10.14
C PRO B 99 7.76 17.91 -10.05
N THR B 100 8.13 18.73 -11.02
CA THR B 100 7.47 20.00 -11.24
C THR B 100 6.32 19.79 -12.21
N VAL B 101 5.19 20.41 -11.92
CA VAL B 101 3.95 20.12 -12.61
C VAL B 101 3.29 21.42 -13.05
N ILE B 102 2.28 21.28 -13.90
CA ILE B 102 1.31 22.32 -14.18
C ILE B 102 0.05 21.95 -13.42
N VAL B 103 -0.51 22.91 -12.69
CA VAL B 103 -1.75 22.71 -11.95
C VAL B 103 -2.84 23.46 -12.69
N VAL B 104 -3.98 22.81 -12.90
CA VAL B 104 -5.07 23.35 -13.69
C VAL B 104 -6.33 23.35 -12.85
N ASN B 105 -7.05 24.47 -12.88
CA ASN B 105 -8.35 24.58 -12.23
C ASN B 105 -9.40 23.94 -13.13
N SER B 106 -9.95 22.81 -12.69
CA SER B 106 -10.89 22.08 -13.53
C SER B 106 -12.27 22.71 -13.57
N ASP B 107 -12.58 23.62 -12.64
CA ASP B 107 -13.83 24.38 -12.76
C ASP B 107 -13.73 25.41 -13.89
N LEU B 108 -12.56 25.99 -14.07
CA LEU B 108 -12.35 27.02 -15.08
C LEU B 108 -11.92 26.46 -16.42
N GLN B 109 -11.29 25.28 -16.43
CA GLN B 109 -10.65 24.78 -17.64
C GLN B 109 -11.65 24.68 -18.79
N GLY B 110 -12.80 24.06 -18.53
CA GLY B 110 -13.77 23.84 -19.57
C GLY B 110 -13.28 22.84 -20.60
N ASP B 111 -13.21 23.27 -21.86
CA ASP B 111 -12.70 22.45 -22.94
C ASP B 111 -11.32 22.90 -23.42
N ILE B 112 -10.75 23.96 -22.82
CA ILE B 112 -9.37 24.31 -23.11
C ILE B 112 -8.49 23.12 -22.77
N LYS B 113 -7.54 22.83 -23.66
CA LYS B 113 -6.61 21.72 -23.45
C LYS B 113 -5.30 22.25 -22.90
N ILE B 114 -4.85 21.67 -21.80
CA ILE B 114 -3.58 22.03 -21.17
C ILE B 114 -2.83 20.72 -20.90
N ARG B 115 -1.99 20.32 -21.84
CA ARG B 115 -1.20 19.11 -21.72
C ARG B 115 0.29 19.40 -21.56
N GLY B 116 0.68 20.66 -21.61
CA GLY B 116 2.08 20.99 -21.46
C GLY B 116 2.28 22.49 -21.56
N TYR B 117 3.53 22.89 -21.76
CA TYR B 117 3.86 24.32 -21.78
C TYR B 117 3.30 25.01 -23.02
N GLN B 118 3.34 24.35 -24.18
CA GLN B 118 2.86 24.99 -25.39
C GLN B 118 1.39 25.37 -25.26
N ASP B 119 0.57 24.48 -24.69
CA ASP B 119 -0.85 24.77 -24.53
C ASP B 119 -1.07 25.99 -23.64
N LEU B 120 -0.18 26.23 -22.68
CA LEU B 120 -0.32 27.42 -21.84
C LEU B 120 -0.26 28.71 -22.63
N LEU B 121 0.20 28.67 -23.89
CA LEU B 121 0.37 29.86 -24.71
C LEU B 121 -0.84 30.16 -25.57
N GLN B 122 -1.89 29.34 -25.52
CA GLN B 122 -3.12 29.67 -26.22
C GLN B 122 -3.55 31.09 -25.86
N PRO B 123 -3.82 31.95 -26.84
CA PRO B 123 -4.18 33.34 -26.51
C PRO B 123 -5.36 33.44 -25.55
N ILE B 124 -6.24 32.44 -25.49
CA ILE B 124 -7.35 32.50 -24.56
C ILE B 124 -6.87 32.48 -23.10
N LEU B 125 -5.67 31.96 -22.86
CA LEU B 125 -5.12 31.84 -21.50
C LEU B 125 -4.20 33.00 -21.13
N LYS B 126 -4.20 34.09 -21.90
CA LYS B 126 -3.32 35.20 -21.61
C LYS B 126 -3.79 35.93 -20.35
N GLY B 127 -2.86 36.22 -19.45
CA GLY B 127 -3.18 36.86 -18.19
C GLY B 127 -3.88 35.97 -17.17
N LYS B 128 -4.15 34.71 -17.51
CA LYS B 128 -4.82 33.79 -16.60
C LYS B 128 -3.91 32.65 -16.15
N ILE B 129 -2.60 32.81 -16.28
CA ILE B 129 -1.62 31.82 -15.86
C ILE B 129 -0.71 32.45 -14.82
N ALA B 130 -0.36 31.68 -13.79
CA ALA B 130 0.49 32.15 -12.71
C ALA B 130 1.73 31.29 -12.59
N TYR B 131 2.83 31.93 -12.16
CA TYR B 131 4.09 31.26 -11.89
C TYR B 131 4.83 32.11 -10.86
N SER B 132 5.92 31.56 -10.34
CA SER B 132 6.67 32.22 -9.28
C SER B 132 8.03 32.69 -9.80
N ASN B 133 8.49 33.81 -9.23
CA ASN B 133 9.73 34.47 -9.60
C ASN B 133 10.88 33.48 -9.76
N PRO B 134 11.40 33.28 -10.99
CA PRO B 134 12.52 32.35 -11.17
C PRO B 134 13.83 32.80 -10.53
N ASN B 135 13.94 34.07 -10.11
CA ASN B 135 15.16 34.53 -9.46
C ASN B 135 15.24 34.09 -8.00
N THR B 136 14.09 33.91 -7.34
CA THR B 136 14.06 33.69 -5.90
C THR B 136 13.64 32.29 -5.51
N THR B 137 12.98 31.54 -6.41
CA THR B 137 12.39 30.26 -6.07
C THR B 137 13.01 29.15 -6.89
N THR B 138 13.06 27.96 -6.29
CA THR B 138 13.45 26.77 -7.04
C THR B 138 12.42 26.43 -8.10
N THR B 139 11.15 26.71 -7.82
CA THR B 139 10.08 26.21 -8.67
C THR B 139 9.98 27.03 -9.96
N GLY B 140 10.04 28.35 -9.86
CA GLY B 140 10.03 29.17 -11.06
C GLY B 140 11.24 28.92 -11.94
N TYR B 141 12.42 28.81 -11.33
CA TYR B 141 13.65 28.58 -12.09
C TYR B 141 13.62 27.24 -12.81
N GLN B 142 13.16 26.18 -12.13
CA GLN B 142 13.15 24.85 -12.76
C GLN B 142 12.12 24.78 -13.89
N HIS B 143 11.03 25.53 -13.78
CA HIS B 143 10.05 25.56 -14.86
C HIS B 143 10.60 26.31 -16.07
N MET B 144 11.34 27.39 -15.84
CA MET B 144 11.91 28.13 -16.95
C MET B 144 12.89 27.27 -17.75
N ARG B 145 13.72 26.51 -17.09
CA ARG B 145 14.56 25.55 -17.74
C ARG B 145 13.76 24.59 -18.60
N ALA B 146 12.77 24.00 -18.06
CA ALA B 146 11.98 23.04 -18.82
C ALA B 146 11.34 23.70 -20.04
N ILE B 147 10.80 24.90 -19.86
CA ILE B 147 10.27 25.65 -21.00
C ILE B 147 11.36 25.85 -22.04
N TYR B 148 12.54 26.22 -21.58
CA TYR B 148 13.67 26.42 -22.49
C TYR B 148 14.05 25.12 -23.18
N SER B 149 13.95 24.01 -22.47
CA SER B 149 14.41 22.73 -23.00
C SER B 149 13.47 22.14 -24.03
N MET B 150 12.26 22.68 -24.18
CA MET B 150 11.34 22.23 -25.22
C MET B 150 12.00 22.25 -26.59
N HIS B 151 12.30 23.47 -27.06
CA HIS B 151 12.94 23.67 -28.36
C HIS B 151 14.24 24.45 -28.23
N HIS B 152 14.73 24.65 -27.01
CA HIS B 152 15.96 25.42 -26.79
C HIS B 152 15.87 26.78 -27.47
N ARG B 153 14.77 27.48 -27.21
CA ARG B 153 14.58 28.85 -27.68
C ARG B 153 14.24 29.73 -26.49
N VAL B 154 15.08 30.73 -26.24
CA VAL B 154 14.80 31.72 -25.21
C VAL B 154 13.52 32.50 -25.52
N SER B 155 13.06 32.47 -26.77
CA SER B 155 11.81 33.14 -27.11
C SER B 155 10.61 32.47 -26.46
N ASP B 156 10.70 31.17 -26.16
CA ASP B 156 9.61 30.48 -25.48
C ASP B 156 9.46 30.97 -24.05
N VAL B 157 10.57 31.15 -23.34
CA VAL B 157 10.53 31.69 -21.98
C VAL B 157 9.87 33.06 -21.97
N HIS B 158 10.30 33.95 -22.88
CA HIS B 158 9.78 35.31 -22.89
C HIS B 158 8.32 35.34 -23.29
N GLN B 159 7.92 34.47 -24.23
CA GLN B 159 6.52 34.41 -24.62
C GLN B 159 5.64 33.99 -23.44
N PHE B 160 6.13 33.07 -22.62
CA PHE B 160 5.38 32.67 -21.43
C PHE B 160 5.32 33.80 -20.42
N GLN B 161 6.47 34.43 -20.14
CA GLN B 161 6.51 35.49 -19.13
C GLN B 161 5.64 36.69 -19.51
N ASN B 162 5.50 36.95 -20.82
CA ASN B 162 4.57 37.96 -21.27
C ASN B 162 3.12 37.49 -21.15
N HIS B 163 2.91 36.18 -21.13
CA HIS B 163 1.58 35.58 -21.12
C HIS B 163 1.03 35.35 -19.72
N ALA B 164 1.85 35.47 -18.68
CA ALA B 164 1.48 35.00 -17.35
C ALA B 164 1.84 36.04 -16.31
N MET B 165 1.23 35.89 -15.14
CA MET B 165 1.45 36.77 -14.01
C MET B 165 2.48 36.14 -13.08
N GLN B 166 3.54 36.90 -12.79
CA GLN B 166 4.57 36.42 -11.89
C GLN B 166 4.19 36.72 -10.44
N LEU B 167 4.42 35.75 -9.56
CA LEU B 167 4.12 35.89 -8.14
C LEU B 167 5.41 35.76 -7.33
N SER B 168 5.33 36.24 -6.08
CA SER B 168 6.50 36.27 -5.22
C SER B 168 6.83 34.90 -4.64
N LYS B 169 5.81 34.08 -4.38
CA LYS B 169 5.95 32.85 -3.61
C LYS B 169 5.39 31.68 -4.39
N THR B 170 6.12 30.56 -4.37
CA THR B 170 5.64 29.36 -5.04
C THR B 170 4.29 28.94 -4.48
N SER B 171 4.13 28.95 -3.15
CA SER B 171 2.89 28.49 -2.54
C SER B 171 1.70 29.39 -2.89
N LYS B 172 1.94 30.61 -3.34
CA LYS B 172 0.84 31.47 -3.76
C LYS B 172 0.25 31.03 -5.10
N VAL B 173 1.01 30.31 -5.92
CA VAL B 173 0.51 29.88 -7.22
C VAL B 173 -0.61 28.85 -7.05
N ILE B 174 -0.36 27.80 -6.26
CA ILE B 174 -1.35 26.74 -6.13
C ILE B 174 -2.58 27.25 -5.39
N GLU B 175 -2.39 28.08 -4.36
CA GLU B 175 -3.51 28.62 -3.62
C GLU B 175 -4.46 29.40 -4.54
N ASP B 176 -3.90 30.27 -5.37
CA ASP B 176 -4.73 31.13 -6.22
C ASP B 176 -5.32 30.37 -7.41
N VAL B 177 -4.62 29.37 -7.95
CA VAL B 177 -5.24 28.51 -8.94
C VAL B 177 -6.33 27.66 -8.30
N ALA B 178 -6.07 27.16 -7.09
CA ALA B 178 -7.03 26.29 -6.42
C ALA B 178 -8.33 27.04 -6.11
N LYS B 179 -8.22 28.32 -5.77
CA LYS B 179 -9.40 29.09 -5.39
C LYS B 179 -10.09 29.77 -6.56
N GLY B 180 -9.57 29.62 -7.77
CA GLY B 180 -10.27 30.11 -8.95
C GLY B 180 -9.89 31.50 -9.41
N LYS B 181 -8.71 31.98 -9.05
CA LYS B 181 -8.23 33.27 -9.52
C LYS B 181 -7.42 33.15 -10.80
N TYR B 182 -6.86 31.97 -11.06
CA TYR B 182 -6.13 31.70 -12.29
C TYR B 182 -6.58 30.36 -12.86
N TYR B 183 -6.57 30.27 -14.19
CA TYR B 183 -6.94 29.02 -14.84
C TYR B 183 -5.93 27.92 -14.56
N ALA B 184 -4.65 28.26 -14.51
CA ALA B 184 -3.60 27.28 -14.33
C ALA B 184 -2.37 27.97 -13.76
N GLY B 185 -1.40 27.16 -13.34
CA GLY B 185 -0.18 27.68 -12.75
C GLY B 185 0.91 26.63 -12.72
N LEU B 186 2.08 27.08 -12.45
CA LEU B 186 3.22 26.24 -12.37
C LEU B 186 3.69 26.03 -11.01
N SER B 187 3.78 24.80 -10.65
CA SER B 187 3.92 24.44 -9.31
C SER B 187 4.68 23.19 -9.17
N TYR B 188 4.52 22.54 -8.06
CA TYR B 188 5.17 21.30 -7.81
C TYR B 188 4.31 20.29 -7.16
N GLU B 189 4.61 19.04 -7.38
CA GLU B 189 3.84 17.88 -6.96
C GLU B 189 4.25 18.11 -5.53
N GLN B 190 3.43 17.57 -4.64
CA GLN B 190 3.46 17.84 -3.21
C GLN B 190 2.84 19.10 -2.60
N ASP B 191 2.57 20.04 -3.46
CA ASP B 191 1.93 21.20 -3.07
C ASP B 191 0.67 21.20 -3.88
N ALA B 192 0.54 20.33 -4.84
CA ALA B 192 -0.62 20.38 -5.63
C ALA B 192 -1.46 19.31 -5.04
N ARG B 193 -0.83 18.22 -4.59
CA ARG B 193 -1.54 17.14 -3.92
C ARG B 193 -2.16 17.68 -2.64
N THR B 194 -1.37 18.43 -1.90
CA THR B 194 -1.87 19.12 -0.76
C THR B 194 -3.20 19.80 -0.96
N TRP B 195 -3.33 20.59 -2.02
CA TRP B 195 -4.52 21.38 -2.24
C TRP B 195 -5.61 20.55 -2.84
N LYS B 196 -5.21 19.46 -3.49
CA LYS B 196 -6.16 18.59 -4.11
C LYS B 196 -6.80 17.73 -3.08
N ASN B 197 -6.07 17.36 -2.07
CA ASN B 197 -6.63 16.53 -0.99
C ASN B 197 -7.55 17.31 -0.08
N LYS B 198 -7.47 18.64 -0.06
CA LYS B 198 -8.41 19.45 0.70
C LYS B 198 -9.74 19.63 -0.01
N GLY B 199 -9.89 19.12 -1.23
CA GLY B 199 -11.14 19.20 -1.95
C GLY B 199 -11.18 20.20 -3.08
N TYR B 200 -10.09 20.90 -3.34
CA TYR B 200 -10.10 21.93 -4.37
C TYR B 200 -10.10 21.30 -5.76
N PRO B 201 -10.62 22.01 -6.77
CA PRO B 201 -10.73 21.47 -8.14
C PRO B 201 -9.40 21.57 -8.89
N VAL B 202 -8.41 20.81 -8.42
CA VAL B 202 -7.03 20.94 -8.88
C VAL B 202 -6.69 19.71 -9.72
N SER B 203 -6.28 19.94 -10.96
CA SER B 203 -5.78 18.89 -11.83
C SER B 203 -4.27 19.02 -11.95
N ILE B 204 -3.55 17.91 -11.85
CA ILE B 204 -2.10 17.88 -11.92
C ILE B 204 -1.71 17.39 -13.31
N VAL B 205 -0.96 18.21 -14.04
CA VAL B 205 -0.53 17.92 -15.39
C VAL B 205 0.99 17.81 -15.39
N TYR B 206 1.49 16.69 -15.92
CA TYR B 206 2.91 16.53 -16.13
C TYR B 206 3.21 16.84 -17.59
N PRO B 207 3.88 17.94 -17.91
CA PRO B 207 3.97 18.38 -19.31
C PRO B 207 4.60 17.34 -20.22
N ILE B 208 3.92 17.04 -21.33
CA ILE B 208 4.39 16.04 -22.29
C ILE B 208 5.73 16.46 -22.92
N GLU B 209 5.82 17.71 -23.38
CA GLU B 209 7.04 18.21 -24.00
C GLU B 209 8.24 17.78 -23.17
N GLY B 210 8.05 17.73 -21.85
CA GLY B 210 9.09 17.32 -20.94
C GLY B 210 8.83 17.82 -19.53
N THR B 211 9.06 16.95 -18.55
CA THR B 211 8.82 17.28 -17.15
C THR B 211 10.17 17.39 -16.45
N MET B 212 10.42 18.54 -15.85
CA MET B 212 11.59 18.73 -15.01
C MET B 212 11.40 18.00 -13.69
N LEU B 213 12.35 17.17 -13.31
CA LEU B 213 12.34 16.48 -12.02
C LEU B 213 13.39 17.12 -11.11
N ASN B 214 12.94 17.60 -9.96
CA ASN B 214 13.82 18.23 -9.00
C ASN B 214 14.40 17.18 -8.06
N VAL B 215 15.72 17.23 -7.87
CA VAL B 215 16.40 16.39 -6.90
C VAL B 215 16.69 17.28 -5.71
N ASP B 216 15.84 17.21 -4.69
CA ASP B 216 16.03 18.02 -3.50
C ASP B 216 17.22 17.50 -2.71
N GLY B 217 17.91 18.43 -2.04
CA GLY B 217 19.13 18.11 -1.34
C GLY B 217 19.10 18.57 0.10
N ILE B 218 20.08 18.09 0.85
CA ILE B 218 20.35 18.53 2.22
C ILE B 218 21.82 18.88 2.32
N ALA B 219 22.13 19.98 3.01
CA ALA B 219 23.50 20.45 3.14
C ALA B 219 23.73 20.99 4.54
N LEU B 220 24.92 20.74 5.07
CA LEU B 220 25.30 21.28 6.36
C LEU B 220 25.77 22.72 6.20
N VAL B 221 25.24 23.61 7.02
CA VAL B 221 25.59 25.03 6.98
C VAL B 221 26.86 25.24 7.81
N LYS B 222 27.77 26.04 7.26
CA LYS B 222 29.01 26.36 7.98
C LYS B 222 28.73 27.46 9.00
N ASN B 223 28.94 27.15 10.27
CA ASN B 223 28.64 28.07 11.37
C ASN B 223 29.72 27.92 12.43
N ALA B 224 29.59 28.70 13.51
CA ALA B 224 30.63 28.76 14.53
C ALA B 224 30.64 27.49 15.38
N HIS B 225 29.47 27.06 15.86
CA HIS B 225 29.36 25.93 16.77
C HIS B 225 28.25 25.01 16.27
N PRO B 226 28.55 24.13 15.32
CA PRO B 226 27.51 23.26 14.77
C PRO B 226 26.88 22.37 15.83
N HIS B 227 25.59 22.13 15.68
CA HIS B 227 24.85 21.31 16.63
C HIS B 227 25.33 19.86 16.55
N PRO B 228 25.62 19.21 17.69
CA PRO B 228 26.19 17.85 17.64
C PRO B 228 25.24 16.78 17.08
N LYS B 229 23.96 17.08 16.93
CA LYS B 229 23.00 16.12 16.40
C LYS B 229 22.70 16.34 14.93
N ARG B 230 23.39 17.28 14.28
CA ARG B 230 22.97 17.65 12.93
C ARG B 230 23.35 16.61 11.90
N LYS B 231 24.46 15.90 12.07
CA LYS B 231 24.77 14.79 11.18
C LYS B 231 23.83 13.62 11.41
N LYS B 232 23.39 13.41 12.65
CA LYS B 232 22.38 12.40 12.92
C LYS B 232 21.06 12.76 12.22
N LEU B 233 20.79 14.05 12.06
CA LEU B 233 19.59 14.47 11.35
C LEU B 233 19.65 14.09 9.88
N VAL B 234 20.80 14.33 9.24
CA VAL B 234 20.94 14.00 7.82
C VAL B 234 20.78 12.50 7.62
N GLN B 235 21.45 11.71 8.44
CA GLN B 235 21.30 10.26 8.38
C GLN B 235 19.87 9.85 8.65
N TYR B 236 19.17 10.58 9.53
CA TYR B 236 17.79 10.28 9.82
C TYR B 236 16.90 10.53 8.61
N LEU B 237 17.11 11.65 7.91
CA LEU B 237 16.25 12.01 6.79
C LEU B 237 16.48 11.12 5.57
N THR B 238 17.67 10.53 5.45
CA THR B 238 17.96 9.60 4.37
C THR B 238 17.77 8.14 4.77
N SER B 239 17.27 7.88 5.98
CA SER B 239 17.08 6.50 6.42
C SER B 239 15.90 5.86 5.69
N ARG B 240 15.86 4.60 5.69
CA ARG B 240 14.81 3.91 5.05
C ARG B 240 13.52 4.02 5.68
N SER B 241 13.47 4.02 6.98
CA SER B 241 12.23 4.08 7.69
C SER B 241 11.53 5.40 7.56
N VAL B 242 12.25 6.46 7.40
CA VAL B 242 11.70 7.77 7.21
C VAL B 242 11.26 8.03 5.79
N GLN B 243 12.01 7.57 4.85
CA GLN B 243 11.55 7.49 3.53
C GLN B 243 10.33 6.64 3.31
N GLN B 244 10.28 5.49 3.88
CA GLN B 244 9.13 4.73 3.74
C GLN B 244 7.99 5.53 4.23
N ARG B 245 8.21 6.34 5.27
CA ARG B 245 7.12 7.12 5.87
C ARG B 245 6.64 8.20 4.92
N LEU B 246 7.58 9.03 4.47
CA LEU B 246 7.35 10.01 3.48
C LEU B 246 6.59 9.48 2.29
N VAL B 247 6.86 8.28 1.88
CA VAL B 247 6.11 7.64 0.88
C VAL B 247 4.74 7.33 1.34
N ALA B 248 4.67 6.56 2.39
CA ALA B 248 3.38 6.09 2.89
C ALA B 248 2.46 7.26 3.26
N GLU B 249 3.00 8.24 4.00
CA GLU B 249 2.16 9.27 4.60
C GLU B 249 1.98 10.51 3.73
N PHE B 250 2.90 10.78 2.79
CA PHE B 250 2.84 12.01 2.02
C PHE B 250 2.92 11.80 0.51
N ASP B 251 3.03 10.57 0.03
CA ASP B 251 3.13 10.27 -1.40
C ASP B 251 4.40 10.86 -2.02
N ALA B 252 5.39 11.22 -1.20
CA ALA B 252 6.66 11.69 -1.73
C ALA B 252 7.34 10.58 -2.52
N LYS B 253 8.27 10.97 -3.39
CA LYS B 253 9.03 10.03 -4.20
C LYS B 253 10.43 9.91 -3.63
N SER B 254 10.76 8.71 -3.15
CA SER B 254 11.95 8.49 -2.35
C SER B 254 13.21 8.47 -3.20
N ILE B 255 14.33 8.83 -2.56
CA ILE B 255 15.63 8.81 -3.23
C ILE B 255 16.30 7.44 -3.16
N ARG B 256 15.78 6.52 -2.35
CA ARG B 256 16.45 5.26 -2.09
C ARG B 256 15.99 4.17 -3.06
N LYS B 257 16.93 3.27 -3.40
CA LYS B 257 16.59 2.11 -4.22
C LYS B 257 15.51 1.28 -3.54
N ASP B 258 15.68 1.00 -2.26
CA ASP B 258 14.92 -0.01 -1.54
C ASP B 258 13.59 0.48 -0.99
N VAL B 259 13.07 1.58 -1.51
CA VAL B 259 11.76 2.11 -1.09
C VAL B 259 10.90 2.21 -2.34
N SER B 260 9.89 1.36 -2.45
CA SER B 260 9.00 1.37 -3.60
C SER B 260 8.10 2.59 -3.55
N GLU B 261 7.53 2.94 -4.71
CA GLU B 261 6.58 4.03 -4.79
C GLU B 261 5.23 3.57 -4.23
N GLN B 262 4.28 4.50 -4.21
CA GLN B 262 2.93 4.21 -3.73
C GLN B 262 1.93 4.44 -4.86
N SER B 263 0.68 4.03 -4.62
CA SER B 263 -0.29 3.76 -5.68
C SER B 263 -1.25 4.92 -5.96
N ASP B 264 -1.04 5.57 -7.09
CA ASP B 264 -1.95 6.45 -7.80
C ASP B 264 -2.68 7.56 -7.09
N GLN B 265 -3.96 7.69 -7.38
CA GLN B 265 -4.77 8.87 -7.12
C GLN B 265 -4.17 10.16 -7.65
N SER B 266 -3.94 10.20 -8.95
CA SER B 266 -3.43 11.39 -9.61
C SER B 266 -1.98 11.82 -9.52
N ILE B 267 -1.19 11.03 -8.79
CA ILE B 267 0.23 11.32 -8.65
C ILE B 267 0.69 10.13 -9.49
N GLU B 268 1.33 10.39 -10.58
CA GLU B 268 1.80 9.33 -11.38
C GLU B 268 3.02 8.79 -10.73
N ASN B 269 3.31 7.55 -11.00
CA ASN B 269 4.61 7.00 -10.77
C ASN B 269 5.61 7.48 -11.72
N LEU B 270 6.82 7.43 -11.30
CA LEU B 270 7.88 7.98 -12.08
C LEU B 270 7.97 7.47 -13.47
N LYS B 271 7.74 6.20 -13.69
CA LYS B 271 7.94 5.62 -14.96
C LYS B 271 6.88 5.96 -15.90
N ASN B 272 5.87 6.64 -15.45
CA ASN B 272 4.81 7.07 -16.30
C ASN B 272 4.73 8.54 -16.47
N ILE B 273 5.72 9.25 -16.03
CA ILE B 273 5.82 10.67 -16.26
C ILE B 273 6.67 10.94 -17.46
N PRO B 274 6.37 11.93 -18.23
CA PRO B 274 7.23 12.27 -19.40
C PRO B 274 8.40 13.18 -19.00
N LEU B 275 9.44 12.56 -18.44
CA LEU B 275 10.57 13.31 -17.92
C LEU B 275 11.50 13.76 -19.03
N ILE B 276 12.13 14.90 -18.81
CA ILE B 276 13.25 15.35 -19.65
C ILE B 276 14.43 14.44 -19.34
N PRO B 277 14.92 13.67 -20.31
CA PRO B 277 16.11 12.82 -20.04
C PRO B 277 17.34 13.67 -19.75
N LYS B 278 18.37 13.00 -19.24
CA LYS B 278 19.70 13.60 -19.16
C LYS B 278 20.09 14.25 -20.49
N SER B 279 19.61 13.70 -21.60
CA SER B 279 19.97 14.20 -22.93
C SER B 279 19.57 15.66 -23.10
N LYS B 280 18.28 15.94 -23.12
CA LYS B 280 17.77 17.27 -23.45
C LYS B 280 17.85 18.25 -22.28
N LEU B 281 18.54 17.90 -21.23
CA LEU B 281 18.63 18.78 -20.10
C LEU B 281 19.61 19.87 -20.24
N PRO B 282 19.19 21.10 -20.33
CA PRO B 282 20.19 22.15 -20.59
C PRO B 282 21.37 22.10 -19.64
N ASP B 283 22.47 22.73 -20.07
CA ASP B 283 23.77 22.58 -19.42
C ASP B 283 24.20 23.79 -18.60
N ILE B 284 23.56 24.92 -18.78
CA ILE B 284 24.06 26.17 -18.27
C ILE B 284 23.91 26.37 -16.78
N PRO B 285 24.89 26.98 -16.15
CA PRO B 285 24.74 27.13 -14.69
C PRO B 285 23.64 28.12 -14.31
N HIS B 286 23.33 28.09 -13.02
CA HIS B 286 22.24 28.86 -12.41
C HIS B 286 22.27 30.33 -12.79
N HIS B 287 23.29 31.05 -12.33
CA HIS B 287 23.33 32.49 -12.53
C HIS B 287 23.37 32.86 -14.01
N LYS B 288 24.08 32.06 -14.82
CA LYS B 288 24.13 32.30 -16.25
C LYS B 288 22.73 32.28 -16.84
N PHE B 289 21.92 31.29 -16.47
CA PHE B 289 20.59 31.13 -17.05
C PHE B 289 19.68 32.29 -16.67
N LEU B 290 19.70 32.70 -15.40
CA LEU B 290 18.87 33.82 -14.98
C LEU B 290 19.23 35.09 -15.74
N GLU B 291 20.53 35.32 -15.96
CA GLU B 291 20.95 36.50 -16.70
C GLU B 291 20.59 36.39 -18.18
N MET B 292 20.60 35.17 -18.72
CA MET B 292 20.30 34.97 -20.13
C MET B 292 18.86 35.33 -20.46
N ILE B 293 17.95 35.02 -19.53
CA ILE B 293 16.54 35.19 -19.76
C ILE B 293 15.92 36.43 -19.21
N GLN B 294 16.72 37.33 -18.66
CA GLN B 294 16.22 38.58 -18.10
C GLN B 294 16.63 39.77 -18.96
N THR C 1 -5.89 35.54 40.80
CA THR C 1 -4.99 36.04 39.76
C THR C 1 -4.57 34.89 38.83
N ILE C 2 -3.82 35.25 37.78
CA ILE C 2 -3.34 34.24 36.85
C ILE C 2 -2.46 33.23 37.57
N HIS C 3 -1.57 33.70 38.44
CA HIS C 3 -0.73 32.79 39.19
C HIS C 3 -1.55 31.86 40.07
N GLN C 4 -2.61 32.38 40.69
CA GLN C 4 -3.48 31.52 41.48
C GLN C 4 -4.19 30.49 40.60
N HIS C 5 -4.57 30.88 39.38
CA HIS C 5 -5.31 29.97 38.51
C HIS C 5 -4.45 28.80 38.05
N VAL C 6 -3.15 29.01 37.81
CA VAL C 6 -2.29 27.91 37.36
C VAL C 6 -2.05 26.92 38.49
N ASP C 7 -1.78 27.43 39.71
CA ASP C 7 -1.59 26.53 40.85
C ASP C 7 -2.83 25.68 41.06
N GLU C 8 -4.00 26.31 41.07
CA GLU C 8 -5.24 25.58 41.30
C GLU C 8 -5.51 24.59 40.17
N SER C 9 -5.21 24.96 38.93
CA SER C 9 -5.40 24.03 37.81
C SER C 9 -4.41 22.87 37.88
N GLN C 10 -3.13 23.18 38.14
CA GLN C 10 -2.14 22.12 38.27
C GLN C 10 -2.53 21.14 39.36
N SER C 11 -2.92 21.65 40.53
CA SER C 11 -3.31 20.77 41.62
C SER C 11 -4.57 19.98 41.26
N SER C 12 -5.50 20.59 40.52
CA SER C 12 -6.71 19.89 40.14
C SER C 12 -6.43 18.79 39.13
N LEU C 13 -5.58 19.07 38.13
CA LEU C 13 -5.22 18.02 37.18
C LEU C 13 -4.44 16.91 37.86
N HIS C 14 -3.62 17.26 38.84
CA HIS C 14 -2.87 16.24 39.57
C HIS C 14 -3.83 15.32 40.31
N HIS C 15 -4.78 15.90 41.04
CA HIS C 15 -5.82 15.11 41.68
C HIS C 15 -6.57 14.28 40.65
N THR C 16 -6.86 14.86 39.49
CA THR C 16 -7.57 14.12 38.45
C THR C 16 -6.76 12.92 37.99
N GLU C 17 -5.51 13.14 37.55
CA GLU C 17 -4.65 12.04 37.16
C GLU C 17 -4.54 11.01 38.28
N LYS C 18 -4.37 11.49 39.51
CA LYS C 18 -4.33 10.62 40.67
C LYS C 18 -5.52 9.67 40.67
N GLN C 19 -6.72 10.19 40.36
CA GLN C 19 -7.92 9.36 40.40
C GLN C 19 -7.95 8.36 39.25
N ILE C 20 -7.40 8.72 38.09
CA ILE C 20 -7.34 7.79 36.97
C ILE C 20 -6.47 6.60 37.32
N GLN C 21 -5.28 6.86 37.88
CA GLN C 21 -4.40 5.77 38.28
C GLN C 21 -5.08 4.87 39.31
N THR C 22 -5.77 5.48 40.27
CA THR C 22 -6.54 4.69 41.24
C THR C 22 -7.55 3.81 40.54
N PHE C 23 -8.18 4.31 39.52
CA PHE C 23 -9.17 3.53 38.81
C PHE C 23 -8.62 2.34 38.14
N ILE C 24 -7.45 2.46 37.58
CA ILE C 24 -6.87 1.43 36.79
C ILE C 24 -6.29 0.37 37.66
N THR C 25 -5.76 0.74 38.79
CA THR C 25 -5.32 -0.19 39.75
C THR C 25 -6.45 -0.92 40.33
N GLN C 26 -7.43 -0.30 40.86
CA GLN C 26 -8.55 -1.02 41.47
C GLN C 26 -9.02 -2.15 40.57
N HIS C 27 -9.32 -1.79 39.36
CA HIS C 27 -10.13 -2.56 38.56
C HIS C 27 -9.41 -3.46 37.69
N ASN C 28 -8.16 -3.60 37.91
CA ASN C 28 -7.43 -4.60 37.19
C ASN C 28 -7.85 -5.97 37.62
N ASN C 29 -8.12 -6.11 38.92
CA ASN C 29 -8.62 -7.36 39.47
C ASN C 29 -10.14 -7.47 39.31
N SER C 30 -10.69 -6.72 38.36
CA SER C 30 -12.12 -6.74 38.11
C SER C 30 -12.41 -6.90 36.62
N PHE C 31 -11.47 -6.44 35.79
CA PHE C 31 -11.57 -6.56 34.36
C PHE C 31 -11.17 -7.86 33.84
N GLN C 32 -10.11 -8.46 34.37
CA GLN C 32 -9.62 -9.72 33.83
C GLN C 32 -10.73 -10.74 33.86
N GLU C 33 -11.81 -10.48 34.61
CA GLU C 33 -12.93 -11.39 34.74
C GLU C 33 -14.18 -10.89 34.01
N LEU C 34 -14.08 -9.77 33.30
CA LEU C 34 -15.20 -9.23 32.52
C LEU C 34 -15.02 -9.49 31.04
N ASP C 35 -16.13 -9.73 30.36
CA ASP C 35 -16.16 -9.94 28.92
C ASP C 35 -17.01 -8.84 28.29
N LEU C 36 -16.43 -8.11 27.35
CA LEU C 36 -17.08 -6.93 26.78
C LEU C 36 -17.98 -7.25 25.59
N THR C 37 -18.18 -8.54 25.28
CA THR C 37 -19.24 -8.97 24.38
C THR C 37 -20.51 -9.33 25.14
N ASN C 38 -20.49 -9.22 26.47
CA ASN C 38 -21.62 -9.55 27.33
C ASN C 38 -22.22 -8.24 27.83
N HIS C 39 -23.52 -8.05 27.60
CA HIS C 39 -24.14 -6.76 27.86
C HIS C 39 -24.27 -6.45 29.34
N HIS C 40 -24.14 -7.45 30.23
CA HIS C 40 -24.12 -7.17 31.65
C HIS C 40 -22.76 -6.65 32.11
N ASP C 41 -21.69 -7.15 31.48
CA ASP C 41 -20.35 -6.70 31.82
C ASP C 41 -20.02 -5.36 31.18
N VAL C 42 -20.57 -5.09 29.99
CA VAL C 42 -20.39 -3.77 29.38
C VAL C 42 -21.05 -2.70 30.25
N THR C 43 -22.27 -2.97 30.72
CA THR C 43 -22.92 -2.06 31.66
C THR C 43 -22.06 -1.83 32.88
N ALA C 44 -21.39 -2.86 33.37
CA ALA C 44 -20.54 -2.71 34.54
C ALA C 44 -19.33 -1.83 34.25
N THR C 45 -18.82 -1.86 33.01
CA THR C 45 -17.68 -1.00 32.66
C THR C 45 -18.11 0.45 32.50
N LYS C 46 -19.26 0.68 31.87
CA LYS C 46 -19.77 2.04 31.71
C LYS C 46 -20.04 2.68 33.05
N ARG C 47 -20.68 1.94 33.97
CA ARG C 47 -20.97 2.50 35.28
C ARG C 47 -19.71 2.95 36.00
N GLU C 48 -18.65 2.14 35.94
CA GLU C 48 -17.41 2.50 36.60
C GLU C 48 -16.73 3.66 35.88
N LEU C 49 -16.77 3.68 34.55
CA LEU C 49 -16.13 4.76 33.81
C LEU C 49 -16.85 6.09 34.03
N LEU C 50 -18.18 6.08 33.98
CA LEU C 50 -18.94 7.30 34.25
C LEU C 50 -18.82 7.73 35.70
N LYS C 51 -18.72 6.78 36.63
CA LYS C 51 -18.46 7.14 38.03
C LYS C 51 -17.17 7.95 38.14
N LEU C 52 -16.13 7.55 37.40
CA LEU C 52 -14.87 8.27 37.43
C LEU C 52 -14.99 9.65 36.81
N ILE C 53 -15.66 9.75 35.65
CA ILE C 53 -15.81 11.03 34.95
C ILE C 53 -16.36 12.10 35.88
N HIS C 54 -17.23 11.73 36.82
CA HIS C 54 -17.98 12.70 37.60
C HIS C 54 -17.48 12.85 39.02
N GLN C 55 -16.40 12.16 39.39
CA GLN C 55 -15.64 12.51 40.58
C GLN C 55 -14.69 13.67 40.32
N GLN C 56 -14.87 14.37 39.19
CA GLN C 56 -13.89 15.31 38.69
C GLN C 56 -14.61 16.55 38.18
N PRO C 57 -14.10 17.75 38.50
CA PRO C 57 -14.71 18.96 37.91
C PRO C 57 -14.42 19.08 36.43
N ALA C 58 -13.26 18.60 35.98
CA ALA C 58 -12.91 18.68 34.58
C ALA C 58 -13.87 17.84 33.73
N THR C 59 -14.09 18.31 32.51
CA THR C 59 -14.94 17.61 31.55
C THR C 59 -14.06 16.61 30.79
N LEU C 60 -14.35 15.33 30.97
CA LEU C 60 -13.52 14.25 30.43
C LEU C 60 -14.34 13.33 29.54
N TYR C 61 -13.70 12.83 28.50
CA TYR C 61 -14.31 11.87 27.60
C TYR C 61 -13.41 10.66 27.49
N TYR C 62 -13.99 9.47 27.61
CA TYR C 62 -13.25 8.23 27.50
C TYR C 62 -13.51 7.57 26.15
N GLU C 63 -12.49 6.90 25.64
CA GLU C 63 -12.59 6.06 24.45
C GLU C 63 -12.03 4.71 24.81
N LEU C 64 -12.89 3.70 24.86
CA LEU C 64 -12.49 2.33 25.12
C LEU C 64 -12.66 1.55 23.82
N SER C 65 -11.55 1.20 23.19
CA SER C 65 -11.55 0.59 21.86
C SER C 65 -10.90 -0.79 21.92
N GLY C 66 -11.28 -1.62 20.95
CA GLY C 66 -10.74 -2.96 20.85
C GLY C 66 -11.40 -3.74 19.73
N PRO C 67 -11.42 -5.07 19.85
CA PRO C 67 -12.09 -5.89 18.84
C PRO C 67 -13.59 -5.68 18.77
N ASN C 68 -14.06 -4.98 17.74
CA ASN C 68 -15.48 -4.74 17.49
C ASN C 68 -16.18 -4.17 18.74
N GLN C 69 -15.55 -3.17 19.34
CA GLN C 69 -16.15 -2.43 20.43
C GLN C 69 -15.61 -1.01 20.40
N PHE C 70 -16.50 -0.04 20.58
CA PHE C 70 -16.11 1.34 20.81
C PHE C 70 -17.07 1.91 21.85
N ILE C 71 -16.54 2.23 23.03
CA ILE C 71 -17.34 2.72 24.14
C ILE C 71 -16.82 4.11 24.50
N THR C 72 -17.75 5.06 24.61
CA THR C 72 -17.39 6.44 24.88
C THR C 72 -18.60 7.17 25.46
N ASN C 73 -18.33 8.25 26.17
CA ASN C 73 -19.36 9.18 26.61
C ASN C 73 -19.38 10.44 25.75
N ASN C 74 -18.71 10.42 24.61
CA ASN C 74 -18.72 11.55 23.66
C ASN C 74 -19.92 11.39 22.72
N TYR C 75 -21.10 11.61 23.30
CA TYR C 75 -22.34 11.27 22.61
C TYR C 75 -22.63 12.21 21.44
N GLU C 76 -22.23 13.48 21.56
CA GLU C 76 -22.38 14.41 20.45
C GLU C 76 -21.28 14.27 19.41
N HIS C 77 -20.36 13.32 19.58
CA HIS C 77 -19.27 13.07 18.64
C HIS C 77 -18.48 14.34 18.36
N LEU C 78 -17.86 14.87 19.43
CA LEU C 78 -16.95 15.99 19.29
C LEU C 78 -15.60 15.49 18.81
N ASN C 79 -14.91 16.32 18.03
CA ASN C 79 -13.63 15.94 17.47
C ASN C 79 -12.58 15.90 18.57
N THR C 80 -12.01 14.71 18.80
CA THR C 80 -10.99 14.55 19.82
C THR C 80 -9.69 15.27 19.46
N LYS C 81 -9.53 15.67 18.20
CA LYS C 81 -8.31 16.38 17.83
C LYS C 81 -8.18 17.71 18.53
N ASN C 82 -9.26 18.21 19.07
CA ASN C 82 -9.21 19.48 19.72
C ASN C 82 -9.11 19.36 21.18
N MET C 83 -8.97 18.17 21.68
CA MET C 83 -8.95 17.95 23.08
C MET C 83 -7.63 17.54 23.55
N TYR C 84 -7.36 17.71 24.80
CA TYR C 84 -6.15 17.25 25.42
C TYR C 84 -6.18 15.83 25.75
N LEU C 85 -5.20 15.12 25.30
CA LEU C 85 -4.99 13.76 25.68
C LEU C 85 -4.27 13.63 26.97
N PHE C 86 -4.96 13.08 27.91
CA PHE C 86 -4.56 13.05 29.27
C PHE C 86 -3.85 11.77 29.60
N SER C 87 -4.42 10.65 29.27
CA SER C 87 -3.75 9.41 29.34
C SER C 87 -4.26 8.35 28.46
N THR C 88 -3.55 7.28 28.51
CA THR C 88 -3.76 6.10 27.74
C THR C 88 -3.38 4.84 28.42
N HIS C 89 -4.23 3.82 28.34
CA HIS C 89 -3.97 2.60 29.08
C HIS C 89 -4.40 1.40 28.30
N GLN C 90 -3.79 0.26 28.60
CA GLN C 90 -4.12 -0.95 27.94
C GLN C 90 -4.60 -1.81 29.00
N LEU C 91 -5.80 -2.29 28.85
CA LEU C 91 -6.48 -3.05 29.90
C LEU C 91 -6.76 -4.46 29.40
N LYS C 92 -6.54 -5.44 30.29
CA LYS C 92 -6.81 -6.84 29.98
C LYS C 92 -8.24 -7.15 30.39
N PHE C 93 -9.04 -7.62 29.42
CA PHE C 93 -10.48 -7.75 29.58
C PHE C 93 -10.95 -9.16 29.27
N LYS C 94 -10.21 -10.16 29.72
CA LYS C 94 -10.64 -11.55 29.57
C LYS C 94 -10.67 -11.97 28.12
N ASN C 95 -11.52 -11.33 27.31
CA ASN C 95 -11.63 -11.69 25.90
C ASN C 95 -10.53 -11.09 25.04
N SER C 96 -9.99 -9.94 25.43
CA SER C 96 -8.95 -9.29 24.65
C SER C 96 -8.45 -8.08 25.43
N THR C 97 -7.41 -7.45 24.89
CA THR C 97 -6.91 -6.18 25.42
C THR C 97 -7.62 -5.02 24.74
N TYR C 98 -8.04 -4.04 25.54
CA TYR C 98 -8.73 -2.86 25.06
C TYR C 98 -7.96 -1.61 25.49
N MET C 99 -7.85 -0.65 24.57
CA MET C 99 -7.15 0.59 24.85
C MET C 99 -8.13 1.63 25.39
N LEU C 100 -7.74 2.29 26.48
CA LEU C 100 -8.53 3.33 27.11
C LEU C 100 -7.81 4.66 26.97
N LYS C 101 -8.44 5.61 26.29
CA LYS C 101 -7.94 6.97 26.17
C LYS C 101 -8.83 7.89 26.98
N ILE C 102 -8.22 8.78 27.77
CA ILE C 102 -8.95 9.81 28.51
C ILE C 102 -8.60 11.15 27.87
N TYR C 103 -9.63 11.89 27.49
CA TYR C 103 -9.49 13.22 26.91
C TYR C 103 -10.05 14.26 27.86
N MET C 104 -9.39 15.41 27.94
CA MET C 104 -9.91 16.56 28.68
C MET C 104 -10.34 17.62 27.67
N ALA C 105 -11.65 17.89 27.62
CA ALA C 105 -12.18 18.89 26.71
C ALA C 105 -12.12 20.29 27.29
N ASN C 106 -12.34 20.44 28.59
CA ASN C 106 -12.23 21.74 29.25
C ASN C 106 -12.30 21.50 30.76
N THR C 107 -12.15 22.59 31.50
CA THR C 107 -12.38 22.62 32.93
C THR C 107 -13.34 23.76 33.25
N PRO C 108 -14.19 23.62 34.26
CA PRO C 108 -15.05 24.75 34.66
C PRO C 108 -14.25 26.00 34.98
N ARG C 109 -13.03 25.83 35.49
CA ARG C 109 -12.18 26.96 35.86
C ARG C 109 -11.62 27.67 34.62
N LEU C 110 -11.02 26.90 33.70
CA LEU C 110 -10.49 27.51 32.49
C LEU C 110 -11.61 28.11 31.65
N SER C 111 -12.76 27.44 31.59
CA SER C 111 -13.90 28.02 30.89
C SER C 111 -14.35 29.33 31.53
N GLU C 112 -14.20 29.44 32.86
CA GLU C 112 -14.69 30.61 33.56
C GLU C 112 -13.76 31.80 33.35
N ILE C 113 -12.44 31.60 33.48
CA ILE C 113 -11.52 32.72 33.34
C ILE C 113 -11.46 33.18 31.88
N LYS C 114 -11.65 32.27 30.94
CA LYS C 114 -11.70 32.68 29.53
C LYS C 114 -12.92 33.57 29.28
N LYS C 115 -14.05 33.23 29.88
CA LYS C 115 -15.27 33.99 29.68
C LYS C 115 -15.21 35.35 30.38
N ASP C 116 -14.82 35.35 31.65
CA ASP C 116 -14.89 36.55 32.47
C ASP C 116 -13.66 37.44 32.36
N ASN C 117 -12.48 36.85 32.18
CA ASN C 117 -11.23 37.59 32.22
C ASN C 117 -10.47 37.60 30.90
N ARG C 118 -10.89 36.81 29.90
CA ARG C 118 -10.12 36.62 28.67
C ARG C 118 -8.71 36.11 28.99
N GLN C 119 -8.62 35.17 29.92
CA GLN C 119 -7.40 34.45 30.22
C GLN C 119 -7.50 33.08 29.58
N PHE C 120 -6.67 32.83 28.58
CA PHE C 120 -6.71 31.60 27.82
C PHE C 120 -5.70 30.62 28.38
N ALA C 121 -5.78 29.37 27.90
CA ALA C 121 -4.95 28.29 28.41
C ALA C 121 -4.27 27.56 27.26
N LEU C 122 -3.02 27.18 27.48
CA LEU C 122 -2.26 26.28 26.64
C LEU C 122 -1.66 25.17 27.49
N ILE C 123 -1.55 23.98 26.90
CA ILE C 123 -0.67 22.94 27.41
C ILE C 123 0.31 22.58 26.30
N VAL C 124 1.60 22.59 26.62
CA VAL C 124 2.66 22.33 25.66
C VAL C 124 3.61 21.31 26.26
N ASP C 125 4.22 20.49 25.41
CA ASP C 125 5.21 19.55 25.86
C ASP C 125 6.59 20.21 25.79
N GLN C 126 7.64 19.44 26.06
CA GLN C 126 8.99 19.99 26.17
C GLN C 126 9.56 20.44 24.84
N TYR C 127 8.90 20.12 23.72
CA TYR C 127 9.34 20.56 22.41
C TYR C 127 8.44 21.64 21.85
N ASP C 128 7.60 22.25 22.68
CA ASP C 128 6.71 23.37 22.35
C ASP C 128 5.53 22.96 21.47
N ASN C 129 5.30 21.66 21.26
CA ASN C 129 4.09 21.21 20.58
C ASN C 129 2.87 21.55 21.44
N ILE C 130 1.85 22.10 20.80
CA ILE C 130 0.63 22.46 21.51
C ILE C 130 -0.25 21.23 21.69
N LEU C 131 -0.55 20.90 22.94
CA LEU C 131 -1.41 19.77 23.29
C LEU C 131 -2.81 20.19 23.70
N TYR C 132 -3.02 21.46 24.01
CA TYR C 132 -4.34 21.95 24.34
C TYR C 132 -4.38 23.45 24.14
N ALA C 133 -5.49 23.94 23.60
CA ALA C 133 -5.70 25.36 23.42
C ALA C 133 -7.20 25.62 23.43
N ASN C 134 -7.63 26.60 24.21
CA ASN C 134 -8.98 27.13 24.11
C ASN C 134 -9.01 28.48 23.43
N ASP C 135 -7.89 28.94 22.90
CA ASP C 135 -7.79 30.16 22.11
C ASP C 135 -7.71 29.78 20.63
N ASP C 136 -8.56 30.40 19.81
CA ASP C 136 -8.71 29.98 18.42
C ASP C 136 -7.50 30.32 17.55
N ARG C 137 -6.58 31.12 18.05
CA ARG C 137 -5.32 31.47 17.42
C ARG C 137 -4.34 30.36 17.39
N PHE C 138 -4.41 29.53 18.38
CA PHE C 138 -3.53 28.38 18.49
C PHE C 138 -4.33 27.11 18.21
N THR C 139 -3.66 26.13 17.61
CA THR C 139 -4.30 24.86 17.26
C THR C 139 -3.39 23.70 17.65
N ILE C 140 -4.03 22.63 18.14
CA ILE C 140 -3.29 21.49 18.68
C ILE C 140 -2.49 20.82 17.57
N GLY C 141 -1.31 20.33 17.93
CA GLY C 141 -0.40 19.73 16.98
C GLY C 141 0.63 20.67 16.42
N GLU C 142 0.39 21.98 16.48
CA GLU C 142 1.34 22.96 15.99
C GLU C 142 2.27 23.40 17.14
N LYS C 143 3.19 24.30 16.82
CA LYS C 143 4.21 24.73 17.77
C LYS C 143 3.80 26.04 18.43
N TYR C 144 4.12 26.16 19.73
CA TYR C 144 3.97 27.41 20.46
C TYR C 144 5.34 28.08 20.53
N ARG C 145 5.47 29.21 19.85
CA ARG C 145 6.69 30.01 19.92
C ARG C 145 6.43 31.23 20.79
N PRO C 146 6.91 31.24 22.04
CA PRO C 146 6.58 32.37 22.93
C PRO C 146 7.06 33.72 22.41
N GLN C 147 8.11 33.74 21.58
CA GLN C 147 8.69 35.00 21.15
C GLN C 147 7.83 35.70 20.11
N GLN C 148 7.09 34.94 19.29
CA GLN C 148 6.16 35.52 18.32
C GLN C 148 5.10 36.33 19.04
N PHE C 149 4.80 36.03 20.30
CA PHE C 149 3.72 36.68 21.02
C PHE C 149 4.13 37.40 22.29
N GLY C 150 3.43 38.48 22.60
CA GLY C 150 3.60 39.20 23.85
C GLY C 150 2.37 39.05 24.71
N PHE C 151 2.47 38.27 25.78
CA PHE C 151 1.38 38.07 26.71
C PHE C 151 1.90 38.14 28.13
N MET C 152 1.03 38.59 29.04
CA MET C 152 1.12 38.15 30.42
C MET C 152 0.89 36.65 30.49
N ASN C 153 1.75 35.95 31.24
CA ASN C 153 1.51 34.53 31.43
C ASN C 153 2.21 34.03 32.68
N GLU C 154 1.63 32.99 33.26
CA GLU C 154 2.27 32.17 34.26
C GLU C 154 2.14 30.72 33.81
N SER C 155 3.20 29.95 34.00
CA SER C 155 3.23 28.57 33.56
C SER C 155 3.62 27.68 34.73
N VAL C 156 3.32 26.39 34.59
CA VAL C 156 3.65 25.40 35.60
C VAL C 156 3.76 24.05 34.92
N LYS C 157 4.65 23.20 35.43
CA LYS C 157 4.74 21.83 34.98
C LYS C 157 3.65 20.98 35.64
N LEU C 158 3.04 20.10 34.86
CA LEU C 158 2.06 19.15 35.37
C LEU C 158 2.77 17.88 35.84
N ASN C 159 2.21 17.26 36.88
CA ASN C 159 2.90 16.16 37.54
C ASN C 159 2.98 14.90 36.67
N HIS C 160 1.98 14.66 35.82
CA HIS C 160 1.85 13.36 35.17
C HIS C 160 2.63 13.24 33.87
N ALA C 161 3.21 14.33 33.37
CA ALA C 161 3.90 14.31 32.08
C ALA C 161 4.86 15.48 32.02
N ASP C 162 5.72 15.47 31.01
CA ASP C 162 6.62 16.58 30.75
C ASP C 162 5.88 17.69 30.02
N HIS C 163 4.74 18.12 30.57
CA HIS C 163 3.92 19.14 29.95
C HIS C 163 3.88 20.38 30.84
N ARG C 164 3.63 21.52 30.20
CA ARG C 164 3.53 22.80 30.89
C ARG C 164 2.16 23.40 30.61
N LEU C 165 1.46 23.78 31.67
CA LEU C 165 0.23 24.54 31.55
C LEU C 165 0.55 26.02 31.53
N ILE C 166 0.02 26.74 30.54
CA ILE C 166 0.24 28.18 30.39
C ILE C 166 -1.12 28.87 30.39
N ILE C 167 -1.31 29.78 31.33
CA ILE C 167 -2.46 30.68 31.34
C ILE C 167 -1.93 32.07 31.03
N TYR C 168 -2.58 32.75 30.10
CA TYR C 168 -2.03 34.00 29.58
C TYR C 168 -3.16 34.95 29.24
N LYS C 169 -2.79 36.21 29.03
CA LYS C 169 -3.72 37.26 28.67
C LYS C 169 -3.04 38.20 27.68
N ASP C 170 -3.89 38.66 26.77
CA ASP C 170 -3.75 39.80 25.87
C ASP C 170 -3.89 39.51 24.37
N THR D 1 -33.50 -43.11 -2.16
CA THR D 1 -32.46 -43.09 -3.20
C THR D 1 -31.94 -41.68 -3.40
N ILE D 2 -30.94 -41.54 -4.28
CA ILE D 2 -30.31 -40.24 -4.49
C ILE D 2 -31.33 -39.24 -5.05
N HIS D 3 -32.09 -39.66 -6.06
CA HIS D 3 -33.02 -38.73 -6.70
C HIS D 3 -34.06 -38.22 -5.70
N GLN D 4 -34.49 -39.07 -4.78
CA GLN D 4 -35.38 -38.60 -3.72
C GLN D 4 -34.70 -37.55 -2.86
N HIS D 5 -33.44 -37.79 -2.51
CA HIS D 5 -32.76 -36.93 -1.54
C HIS D 5 -32.45 -35.55 -2.12
N VAL D 6 -32.21 -35.45 -3.42
CA VAL D 6 -31.97 -34.15 -4.03
C VAL D 6 -33.26 -33.33 -4.04
N ASP D 7 -34.37 -33.97 -4.38
CA ASP D 7 -35.65 -33.26 -4.41
C ASP D 7 -35.98 -32.72 -3.02
N GLU D 8 -35.87 -33.55 -1.99
CA GLU D 8 -36.24 -33.14 -0.64
C GLU D 8 -35.32 -32.05 -0.12
N SER D 9 -34.02 -32.15 -0.44
CA SER D 9 -33.07 -31.12 0.01
C SER D 9 -33.25 -29.85 -0.81
N GLN D 10 -33.41 -29.99 -2.13
CA GLN D 10 -33.72 -28.84 -2.99
C GLN D 10 -34.99 -28.11 -2.54
N SER D 11 -36.00 -28.87 -2.09
CA SER D 11 -37.25 -28.33 -1.55
C SER D 11 -37.07 -27.73 -0.15
N SER D 12 -36.22 -28.34 0.68
CA SER D 12 -35.96 -27.80 2.02
C SER D 12 -35.23 -26.46 1.94
N LEU D 13 -34.25 -26.34 1.04
CA LEU D 13 -33.50 -25.08 0.96
C LEU D 13 -34.33 -23.98 0.30
N HIS D 14 -35.22 -24.34 -0.62
CA HIS D 14 -36.14 -23.35 -1.16
C HIS D 14 -37.05 -22.82 -0.06
N HIS D 15 -37.67 -23.73 0.70
CA HIS D 15 -38.44 -23.32 1.87
C HIS D 15 -37.58 -22.48 2.82
N THR D 16 -36.34 -22.90 3.06
CA THR D 16 -35.45 -22.14 3.93
C THR D 16 -35.21 -20.74 3.36
N GLU D 17 -34.77 -20.65 2.11
CA GLU D 17 -34.56 -19.35 1.48
C GLU D 17 -35.84 -18.52 1.50
N LYS D 18 -36.97 -19.17 1.26
CA LYS D 18 -38.26 -18.48 1.29
C LYS D 18 -38.48 -17.79 2.64
N GLN D 19 -38.08 -18.46 3.74
CA GLN D 19 -38.29 -17.89 5.07
C GLN D 19 -37.37 -16.70 5.33
N ILE D 20 -36.22 -16.65 4.67
CA ILE D 20 -35.31 -15.52 4.89
C ILE D 20 -35.79 -14.29 4.14
N GLN D 21 -36.29 -14.45 2.91
CA GLN D 21 -36.95 -13.34 2.24
C GLN D 21 -38.03 -12.73 3.13
N THR D 22 -38.88 -13.60 3.71
CA THR D 22 -39.96 -13.12 4.57
C THR D 22 -39.42 -12.36 5.77
N PHE D 23 -38.25 -12.68 6.23
CA PHE D 23 -37.69 -12.02 7.37
C PHE D 23 -37.23 -10.66 7.04
N ILE D 24 -36.61 -10.55 5.92
CA ILE D 24 -36.04 -9.33 5.48
C ILE D 24 -37.11 -8.34 5.12
N THR D 25 -38.17 -8.80 4.54
CA THR D 25 -39.30 -7.99 4.25
C THR D 25 -39.99 -7.58 5.53
N GLN D 26 -40.40 -8.50 6.36
CA GLN D 26 -41.15 -8.17 7.57
C GLN D 26 -40.51 -7.02 8.33
N HIS D 27 -39.18 -7.00 8.39
CA HIS D 27 -38.45 -6.11 9.27
C HIS D 27 -37.74 -4.99 8.52
N ASN D 28 -38.03 -4.82 7.23
CA ASN D 28 -37.64 -3.58 6.57
C ASN D 28 -38.35 -2.39 7.21
N ASN D 29 -39.55 -2.60 7.72
CA ASN D 29 -40.30 -1.57 8.44
C ASN D 29 -40.05 -1.61 9.94
N SER D 30 -39.36 -2.63 10.44
CA SER D 30 -39.03 -2.77 11.85
C SER D 30 -37.60 -2.37 12.17
N PHE D 31 -36.64 -2.75 11.31
CA PHE D 31 -35.23 -2.49 11.60
C PHE D 31 -34.87 -1.02 11.45
N GLN D 32 -35.53 -0.30 10.54
CA GLN D 32 -35.22 1.11 10.36
C GLN D 32 -35.44 1.94 11.61
N GLU D 33 -36.07 1.38 12.64
CA GLU D 33 -36.36 2.10 13.88
C GLU D 33 -35.54 1.59 15.06
N LEU D 34 -34.50 0.79 14.82
CA LEU D 34 -33.65 0.26 15.88
C LEU D 34 -32.24 0.80 15.74
N ASP D 35 -31.59 1.01 16.88
CA ASP D 35 -30.21 1.49 16.94
C ASP D 35 -29.37 0.43 17.63
N LEU D 36 -28.39 -0.11 16.92
CA LEU D 36 -27.58 -1.20 17.44
C LEU D 36 -26.45 -0.75 18.37
N THR D 37 -26.44 0.53 18.77
CA THR D 37 -25.61 0.97 19.90
C THR D 37 -26.35 0.88 21.22
N ASN D 38 -27.64 0.55 21.19
CA ASN D 38 -28.50 0.50 22.35
C ASN D 38 -28.77 -0.96 22.68
N HIS D 39 -28.44 -1.36 23.91
CA HIS D 39 -28.44 -2.78 24.27
C HIS D 39 -29.84 -3.37 24.38
N HIS D 40 -30.89 -2.56 24.38
CA HIS D 40 -32.24 -3.10 24.31
C HIS D 40 -32.63 -3.45 22.88
N ASP D 41 -32.15 -2.68 21.91
CA ASP D 41 -32.46 -2.95 20.51
C ASP D 41 -31.61 -4.08 19.94
N VAL D 42 -30.39 -4.25 20.45
CA VAL D 42 -29.58 -5.40 20.06
C VAL D 42 -30.28 -6.68 20.45
N THR D 43 -30.78 -6.74 21.69
CA THR D 43 -31.56 -7.90 22.11
C THR D 43 -32.76 -8.11 21.21
N ALA D 44 -33.38 -7.02 20.73
CA ALA D 44 -34.54 -7.15 19.86
C ALA D 44 -34.16 -7.79 18.53
N THR D 45 -32.96 -7.48 18.02
CA THR D 45 -32.51 -8.07 16.76
C THR D 45 -32.08 -9.52 16.94
N LYS D 46 -31.37 -9.83 18.03
CA LYS D 46 -30.97 -11.20 18.29
C LYS D 46 -32.17 -12.10 18.45
N ARG D 47 -33.19 -11.65 19.18
CA ARG D 47 -34.39 -12.46 19.37
C ARG D 47 -35.03 -12.80 18.04
N GLU D 48 -35.09 -11.81 17.13
CA GLU D 48 -35.70 -12.05 15.82
C GLU D 48 -34.83 -12.96 14.98
N LEU D 49 -33.51 -12.82 15.07
CA LEU D 49 -32.62 -13.65 14.27
C LEU D 49 -32.63 -15.09 14.73
N LEU D 50 -32.54 -15.31 16.05
CA LEU D 50 -32.55 -16.67 16.58
C LEU D 50 -33.88 -17.37 16.35
N LYS D 51 -34.99 -16.60 16.39
CA LYS D 51 -36.28 -17.16 16.02
C LYS D 51 -36.24 -17.70 14.59
N LEU D 52 -35.62 -16.95 13.68
CA LEU D 52 -35.50 -17.40 12.29
C LEU D 52 -34.64 -18.65 12.18
N ILE D 53 -33.50 -18.66 12.87
CA ILE D 53 -32.56 -19.78 12.81
C ILE D 53 -33.27 -21.09 13.12
N HIS D 54 -34.26 -21.06 14.02
CA HIS D 54 -34.88 -22.28 14.53
C HIS D 54 -36.26 -22.55 13.94
N GLN D 55 -36.71 -21.75 12.99
CA GLN D 55 -37.92 -22.06 12.23
C GLN D 55 -37.63 -22.96 11.04
N GLN D 56 -36.42 -23.46 10.91
CA GLN D 56 -36.13 -24.39 9.84
C GLN D 56 -35.06 -25.35 10.18
N PRO D 57 -35.06 -26.47 9.50
CA PRO D 57 -34.28 -27.62 10.01
C PRO D 57 -32.78 -27.49 9.78
N ALA D 58 -32.36 -26.78 8.74
CA ALA D 58 -30.93 -26.63 8.47
C ALA D 58 -30.23 -25.94 9.62
N THR D 59 -28.94 -26.21 9.77
CA THR D 59 -28.10 -25.57 10.77
C THR D 59 -27.52 -24.30 10.16
N LEU D 60 -27.96 -23.15 10.65
CA LEU D 60 -27.62 -21.86 10.06
C LEU D 60 -26.92 -20.96 11.06
N TYR D 61 -25.95 -20.19 10.58
CA TYR D 61 -25.23 -19.21 11.38
C TYR D 61 -25.33 -17.85 10.71
N TYR D 62 -25.72 -16.83 11.49
CA TYR D 62 -25.82 -15.48 10.96
C TYR D 62 -24.61 -14.65 11.39
N GLU D 63 -24.22 -13.73 10.51
CA GLU D 63 -23.20 -12.72 10.81
C GLU D 63 -23.78 -11.37 10.47
N LEU D 64 -23.89 -10.50 11.46
CA LEU D 64 -24.38 -9.15 11.28
C LEU D 64 -23.23 -8.20 11.62
N SER D 65 -22.64 -7.62 10.58
CA SER D 65 -21.44 -6.81 10.72
C SER D 65 -21.73 -5.36 10.35
N GLY D 66 -20.93 -4.46 10.90
CA GLY D 66 -21.10 -3.04 10.65
C GLY D 66 -20.17 -2.20 11.51
N PRO D 67 -20.52 -0.93 11.72
CA PRO D 67 -19.66 -0.06 12.53
C PRO D 67 -19.54 -0.51 13.98
N ASN D 68 -18.40 -1.11 14.33
CA ASN D 68 -18.10 -1.52 15.70
C ASN D 68 -19.19 -2.41 16.26
N GLN D 69 -19.65 -3.35 15.43
CA GLN D 69 -20.59 -4.39 15.85
C GLN D 69 -20.27 -5.64 15.05
N PHE D 70 -20.21 -6.77 15.74
CA PHE D 70 -20.21 -8.07 15.07
C PHE D 70 -21.11 -9.01 15.87
N ILE D 71 -22.20 -9.43 15.25
CA ILE D 71 -23.22 -10.24 15.91
C ILE D 71 -23.35 -11.56 15.16
N THR D 72 -23.28 -12.65 15.89
CA THR D 72 -23.35 -13.98 15.30
C THR D 72 -23.80 -14.97 16.36
N ASN D 73 -24.35 -16.09 15.89
CA ASN D 73 -24.60 -17.24 16.74
C ASN D 73 -23.55 -18.34 16.56
N ASN D 74 -22.43 -18.00 15.92
CA ASN D 74 -21.30 -18.93 15.74
C ASN D 74 -20.40 -18.81 16.96
N TYR D 75 -20.92 -19.31 18.09
CA TYR D 75 -20.30 -19.06 19.38
C TYR D 75 -18.97 -19.79 19.53
N GLU D 76 -18.84 -20.98 18.93
CA GLU D 76 -17.58 -21.71 18.95
C GLU D 76 -16.59 -21.21 17.89
N HIS D 77 -16.98 -20.21 17.10
CA HIS D 77 -16.14 -19.62 16.06
C HIS D 77 -15.62 -20.71 15.11
N LEU D 78 -16.57 -21.42 14.51
CA LEU D 78 -16.25 -22.30 13.39
C LEU D 78 -15.88 -21.45 12.17
N ASN D 79 -15.02 -21.99 11.33
CA ASN D 79 -14.57 -21.26 10.15
C ASN D 79 -15.68 -21.22 9.12
N THR D 80 -16.20 -20.02 8.83
CA THR D 80 -17.24 -19.87 7.83
C THR D 80 -16.75 -20.24 6.44
N LYS D 81 -15.44 -20.27 6.24
CA LYS D 81 -14.88 -20.65 4.96
C LYS D 81 -15.32 -22.05 4.53
N ASN D 82 -15.66 -22.91 5.49
CA ASN D 82 -16.12 -24.26 5.19
C ASN D 82 -17.63 -24.36 5.10
N MET D 83 -18.34 -23.24 5.13
CA MET D 83 -19.79 -23.23 5.14
C MET D 83 -20.33 -22.59 3.87
N TYR D 84 -21.48 -23.01 3.47
CA TYR D 84 -22.14 -22.49 2.32
C TYR D 84 -22.61 -21.10 2.52
N LEU D 85 -22.04 -20.17 1.85
CA LEU D 85 -22.63 -18.84 1.88
C LEU D 85 -23.94 -18.88 1.11
N PHE D 86 -25.00 -18.34 1.70
CA PHE D 86 -26.32 -18.71 1.26
C PHE D 86 -27.18 -17.48 0.96
N SER D 87 -26.93 -16.37 1.66
CA SER D 87 -27.55 -15.11 1.31
C SER D 87 -26.83 -13.96 2.00
N THR D 88 -26.94 -12.79 1.38
CA THR D 88 -26.31 -11.57 1.88
C THR D 88 -27.30 -10.44 1.75
N HIS D 89 -27.25 -9.50 2.70
CA HIS D 89 -28.21 -8.41 2.73
C HIS D 89 -27.59 -7.18 3.37
N GLN D 90 -27.93 -6.01 2.83
CA GLN D 90 -27.62 -4.73 3.44
C GLN D 90 -28.88 -4.18 4.07
N LEU D 91 -28.87 -4.03 5.39
CA LEU D 91 -30.03 -3.60 6.14
C LEU D 91 -29.79 -2.20 6.70
N LYS D 92 -30.83 -1.37 6.64
CA LYS D 92 -30.78 -0.03 7.19
C LYS D 92 -31.23 -0.08 8.65
N PHE D 93 -30.37 0.35 9.56
CA PHE D 93 -30.57 0.19 11.00
C PHE D 93 -30.54 1.54 11.72
N LYS D 94 -31.16 2.56 11.11
CA LYS D 94 -31.29 3.86 11.77
C LYS D 94 -29.94 4.54 11.95
N ASN D 95 -29.03 3.90 12.69
CA ASN D 95 -27.72 4.48 12.93
C ASN D 95 -26.74 4.21 11.79
N SER D 96 -26.94 3.15 11.02
CA SER D 96 -26.06 2.84 9.90
C SER D 96 -26.59 1.64 9.12
N THR D 97 -25.88 1.25 8.08
CA THR D 97 -26.18 0.04 7.32
C THR D 97 -25.33 -1.11 7.81
N TYR D 98 -25.95 -2.27 7.99
CA TYR D 98 -25.27 -3.48 8.44
C TYR D 98 -25.46 -4.58 7.41
N MET D 99 -24.39 -5.35 7.20
CA MET D 99 -24.43 -6.49 6.29
C MET D 99 -24.82 -7.75 7.07
N LEU D 100 -25.81 -8.47 6.56
CA LEU D 100 -26.25 -9.73 7.15
C LEU D 100 -25.92 -10.87 6.21
N LYS D 101 -25.05 -11.78 6.67
CA LYS D 101 -24.72 -13.00 5.94
C LYS D 101 -25.33 -14.19 6.67
N ILE D 102 -25.98 -15.08 5.91
CA ILE D 102 -26.52 -16.32 6.44
C ILE D 102 -25.70 -17.46 5.87
N TYR D 103 -25.14 -18.29 6.75
CA TYR D 103 -24.34 -19.45 6.36
C TYR D 103 -25.08 -20.72 6.71
N MET D 104 -24.97 -21.73 5.85
CA MET D 104 -25.46 -23.06 6.13
C MET D 104 -24.28 -23.98 6.37
N ALA D 105 -24.21 -24.55 7.57
CA ALA D 105 -23.15 -25.50 7.91
C ALA D 105 -23.51 -26.92 7.54
N ASN D 106 -24.77 -27.31 7.75
CA ASN D 106 -25.24 -28.64 7.42
C ASN D 106 -26.77 -28.63 7.50
N THR D 107 -27.37 -29.68 6.96
CA THR D 107 -28.79 -29.97 7.14
C THR D 107 -28.95 -31.37 7.70
N PRO D 108 -30.00 -31.64 8.47
CA PRO D 108 -30.19 -32.99 9.03
C PRO D 108 -30.37 -34.07 7.98
N ARG D 109 -30.80 -33.71 6.77
CA ARG D 109 -30.98 -34.71 5.72
C ARG D 109 -29.64 -35.11 5.10
N LEU D 110 -28.79 -34.13 4.78
CA LEU D 110 -27.47 -34.45 4.22
C LEU D 110 -26.59 -35.15 5.25
N SER D 111 -26.65 -34.72 6.51
CA SER D 111 -25.92 -35.42 7.56
C SER D 111 -26.37 -36.87 7.67
N GLU D 112 -27.66 -37.12 7.43
CA GLU D 112 -28.19 -38.47 7.59
C GLU D 112 -27.71 -39.40 6.49
N ILE D 113 -27.92 -39.03 5.22
CA ILE D 113 -27.51 -39.91 4.13
C ILE D 113 -26.00 -40.07 4.11
N LYS D 114 -25.26 -39.06 4.56
CA LYS D 114 -23.81 -39.19 4.64
C LYS D 114 -23.42 -40.30 5.62
N LYS D 115 -24.14 -40.40 6.74
CA LYS D 115 -23.85 -41.43 7.71
C LYS D 115 -24.42 -42.79 7.30
N ASP D 116 -25.65 -42.81 6.81
CA ASP D 116 -26.36 -44.07 6.56
C ASP D 116 -26.13 -44.61 5.15
N ASN D 117 -26.02 -43.73 4.15
CA ASN D 117 -25.86 -44.15 2.76
C ASN D 117 -24.49 -43.86 2.18
N ARG D 118 -23.62 -43.14 2.89
CA ARG D 118 -22.38 -42.62 2.32
C ARG D 118 -22.65 -41.86 1.04
N GLN D 119 -23.70 -41.06 1.05
CA GLN D 119 -24.02 -40.13 -0.02
C GLN D 119 -23.60 -38.73 0.43
N PHE D 120 -22.66 -38.15 -0.28
CA PHE D 120 -22.13 -36.83 0.06
C PHE D 120 -22.78 -35.77 -0.82
N ALA D 121 -22.53 -34.51 -0.45
CA ALA D 121 -23.16 -33.39 -1.11
C ALA D 121 -22.13 -32.37 -1.59
N LEU D 122 -22.41 -31.78 -2.75
CA LEU D 122 -21.71 -30.61 -3.26
C LEU D 122 -22.73 -29.57 -3.72
N ILE D 123 -22.40 -28.30 -3.53
CA ILE D 123 -23.11 -27.20 -4.17
C ILE D 123 -22.09 -26.44 -5.00
N VAL D 124 -22.42 -26.22 -6.28
CA VAL D 124 -21.51 -25.59 -7.23
C VAL D 124 -22.28 -24.54 -8.03
N ASP D 125 -21.56 -23.50 -8.46
CA ASP D 125 -22.16 -22.48 -9.30
C ASP D 125 -21.97 -22.82 -10.77
N GLN D 126 -22.42 -21.94 -11.65
CA GLN D 126 -22.39 -22.22 -13.08
C GLN D 126 -20.97 -22.33 -13.62
N TYR D 127 -19.98 -21.86 -12.88
CA TYR D 127 -18.58 -21.98 -13.27
C TYR D 127 -17.87 -23.11 -12.54
N ASP D 128 -18.63 -24.00 -11.90
CA ASP D 128 -18.13 -25.21 -11.25
C ASP D 128 -17.30 -24.92 -10.00
N ASN D 129 -17.26 -23.67 -9.53
CA ASN D 129 -16.67 -23.41 -8.22
C ASN D 129 -17.46 -24.16 -7.14
N ILE D 130 -16.74 -24.75 -6.20
CA ILE D 130 -17.38 -25.44 -5.09
C ILE D 130 -17.79 -24.41 -4.04
N LEU D 131 -19.08 -24.40 -3.70
CA LEU D 131 -19.59 -23.54 -2.64
C LEU D 131 -19.94 -24.29 -1.37
N TYR D 132 -20.01 -25.62 -1.42
CA TYR D 132 -20.26 -26.40 -0.22
C TYR D 132 -19.84 -27.84 -0.45
N ALA D 133 -19.19 -28.43 0.56
CA ALA D 133 -18.83 -29.83 0.52
C ALA D 133 -18.84 -30.38 1.94
N ASN D 134 -19.42 -31.56 2.10
CA ASN D 134 -19.26 -32.32 3.34
C ASN D 134 -18.38 -33.54 3.14
N ASP D 135 -17.75 -33.66 1.97
CA ASP D 135 -16.73 -34.68 1.71
C ASP D 135 -15.36 -34.03 1.78
N ASP D 136 -14.46 -34.62 2.58
CA ASP D 136 -13.17 -33.99 2.85
C ASP D 136 -12.26 -33.91 1.64
N ARG D 137 -12.62 -34.56 0.58
CA ARG D 137 -11.81 -34.61 -0.58
C ARG D 137 -12.03 -33.51 -1.54
N PHE D 138 -13.08 -32.77 -1.33
CA PHE D 138 -13.35 -31.51 -2.00
C PHE D 138 -13.35 -30.39 -0.96
N THR D 139 -12.90 -29.21 -1.38
CA THR D 139 -12.79 -28.07 -0.50
C THR D 139 -13.38 -26.83 -1.16
N ILE D 140 -14.10 -26.05 -0.37
CA ILE D 140 -14.83 -24.90 -0.90
C ILE D 140 -13.85 -23.87 -1.47
N GLY D 141 -14.31 -23.15 -2.49
CA GLY D 141 -13.49 -22.19 -3.19
C GLY D 141 -12.71 -22.75 -4.36
N GLU D 142 -12.50 -24.07 -4.41
CA GLU D 142 -11.80 -24.69 -5.51
C GLU D 142 -12.79 -25.13 -6.58
N LYS D 143 -12.37 -25.89 -7.53
CA LYS D 143 -13.24 -26.26 -8.58
C LYS D 143 -13.55 -27.70 -8.58
N TYR D 144 -14.67 -28.08 -9.13
CA TYR D 144 -14.99 -29.45 -9.32
C TYR D 144 -15.10 -29.68 -10.76
N ARG D 145 -14.40 -30.66 -11.28
CA ARG D 145 -14.49 -30.94 -12.69
C ARG D 145 -15.22 -32.22 -12.98
N PRO D 146 -16.36 -32.17 -13.64
CA PRO D 146 -17.06 -33.43 -13.93
C PRO D 146 -16.28 -34.40 -14.80
N GLN D 147 -15.06 -34.09 -15.21
CA GLN D 147 -14.22 -35.08 -15.88
C GLN D 147 -13.66 -36.07 -14.88
N GLN D 148 -12.86 -35.55 -14.00
CA GLN D 148 -12.33 -36.36 -12.99
C GLN D 148 -13.46 -36.89 -12.14
N PHE D 149 -14.70 -36.47 -12.40
CA PHE D 149 -15.81 -36.91 -11.54
C PHE D 149 -16.27 -38.31 -11.90
N GLY D 150 -16.15 -39.26 -10.97
CA GLY D 150 -16.49 -40.60 -11.29
C GLY D 150 -17.38 -41.25 -10.30
N PHE D 151 -18.57 -40.74 -10.13
CA PHE D 151 -19.44 -41.24 -9.14
C PHE D 151 -20.81 -41.26 -9.64
N MET D 152 -21.65 -41.89 -8.90
CA MET D 152 -23.06 -41.79 -9.11
C MET D 152 -23.59 -40.58 -8.44
N ASN D 153 -24.43 -39.87 -9.12
CA ASN D 153 -24.88 -38.53 -8.75
C ASN D 153 -26.18 -38.20 -9.46
N GLU D 154 -26.99 -37.40 -8.77
CA GLU D 154 -28.07 -36.64 -9.37
C GLU D 154 -27.89 -35.19 -8.93
N SER D 155 -28.27 -34.27 -9.82
CA SER D 155 -28.11 -32.85 -9.56
C SER D 155 -29.42 -32.12 -9.81
N VAL D 156 -29.54 -30.95 -9.20
CA VAL D 156 -30.74 -30.12 -9.32
C VAL D 156 -30.33 -28.66 -9.09
N LYS D 157 -30.99 -27.76 -9.80
CA LYS D 157 -30.80 -26.34 -9.60
C LYS D 157 -31.56 -25.86 -8.37
N LEU D 158 -30.92 -25.01 -7.58
CA LEU D 158 -31.57 -24.35 -6.45
C LEU D 158 -32.27 -23.09 -6.93
N ASN D 159 -33.41 -22.78 -6.29
CA ASN D 159 -34.26 -21.69 -6.77
C ASN D 159 -33.64 -20.32 -6.57
N HIS D 160 -32.84 -20.13 -5.51
CA HIS D 160 -32.44 -18.79 -5.10
C HIS D 160 -31.21 -18.27 -5.83
N ALA D 161 -30.46 -19.14 -6.52
CA ALA D 161 -29.23 -18.71 -7.17
C ALA D 161 -28.92 -19.67 -8.32
N ASP D 162 -27.89 -19.31 -9.09
CA ASP D 162 -27.39 -20.15 -10.18
C ASP D 162 -26.44 -21.22 -9.63
N HIS D 163 -26.93 -22.02 -8.72
CA HIS D 163 -26.19 -23.03 -8.07
C HIS D 163 -26.79 -24.35 -8.27
N ARG D 164 -26.03 -25.42 -8.16
CA ARG D 164 -26.50 -26.78 -8.38
C ARG D 164 -26.15 -27.63 -7.17
N LEU D 165 -27.14 -28.37 -6.67
CA LEU D 165 -26.93 -29.31 -5.56
C LEU D 165 -26.64 -30.69 -6.16
N ILE D 166 -25.49 -31.26 -5.80
CA ILE D 166 -25.09 -32.58 -6.27
C ILE D 166 -24.99 -33.50 -5.07
N ILE D 167 -25.77 -34.57 -5.08
CA ILE D 167 -25.64 -35.67 -4.12
C ILE D 167 -25.04 -36.84 -4.88
N TYR D 168 -23.96 -37.39 -4.34
CA TYR D 168 -23.22 -38.43 -5.04
C TYR D 168 -22.83 -39.52 -4.04
N LYS D 169 -22.56 -40.71 -4.56
CA LYS D 169 -22.18 -41.83 -3.71
C LYS D 169 -20.71 -42.16 -3.89
N ASP D 170 -19.98 -42.67 -2.92
CA ASP D 170 -18.66 -43.07 -3.34
C ASP D 170 -18.61 -44.52 -3.59
#